data_9QV6
#
_entry.id   9QV6
#
loop_
_entity.id
_entity.type
_entity.pdbx_description
1 polymer 'Archaeal histone A'
2 polymer 'DNA (180-MER)'
3 polymer 'DNA (180-MER)'
#
loop_
_entity_poly.entity_id
_entity_poly.type
_entity_poly.pdbx_seq_one_letter_code
_entity_poly.pdbx_strand_id
1 'polypeptide(L)' SNAMAGNFANARVEKLIRQAGAQRVSADAVDKMNEILTDWGKNIAKYAVEIARHSGRKTVKENDIKLAAQK A,B,C,D,E,F,G,H,I,J,K,L
2 'polydeoxyribonucleotide'
;(DC)(DT)(DG)(DG)(DA)(DG)(DA)(DA)(DT)(DC)(DC)(DC)(DG)(DG)(DT)(DG)(DC)(DC)(DG)(DA)
(DG)(DG)(DC)(DC)(DG)(DC)(DT)(DC)(DA)(DA)(DT)(DT)(DG)(DG)(DT)(DC)(DG)(DT)(DA)(DG)
(DA)(DC)(DA)(DG)(DC)(DT)(DC)(DT)(DA)(DG)(DC)(DA)(DC)(DC)(DG)(DC)(DT)(DT)(DA)(DA)
(DA)(DC)(DG)(DC)(DA)(DC)(DG)(DT)(DA)(DC)(DG)(DC)(DG)(DC)(DT)(DG)(DT)(DC)(DC)(DC)
(DC)(DC)(DG)(DC)(DG)(DT)(DT)(DT)(DT)(DA)(DA)(DC)(DC)(DG)(DC)(DC)(DA)(DA)(DG)(DG)
(DG)(DG)(DA)(DT)(DT)(DA)(DC)(DT)(DC)(DC)(DC)(DT)(DA)(DG)(DT)(DC)(DT)(DC)(DC)(DA)
(DG)(DG)(DC)(DA)(DC)(DG)(DT)(DG)(DT)(DC)(DA)(DG)(DA)(DT)(DA)(DT)(DA)(DT)(DA)(DC)
(DA)(DT)(DC)(DC)(DT)(DG)(DT)(DC)(DT)(DG)(DG)(DA)(DG)(DA)(DA)(DT)(DC)(DC)(DC)(DG)
(DG)(DT)(DG)(DC)(DC)(DG)(DA)(DG)(DG)(DC)(DC)(DG)(DC)(DT)(DC)(DA)(DA)(DT)(DT)(DG)
;
X
3 'polydeoxyribonucleotide'
;(DC)(DA)(DA)(DT)(DT)(DG)(DA)(DG)(DC)(DG)(DG)(DC)(DC)(DT)(DC)(DG)(DG)(DC)(DA)(DC)
(DC)(DG)(DG)(DG)(DA)(DT)(DT)(DC)(DT)(DC)(DC)(DA)(DG)(DA)(DC)(DA)(DG)(DG)(DA)(DT)
(DG)(DT)(DA)(DT)(DA)(DT)(DA)(DT)(DC)(DT)(DG)(DA)(DC)(DA)(DC)(DG)(DT)(DG)(DC)(DC)
(DT)(DG)(DG)(DA)(DG)(DA)(DC)(DT)(DA)(DG)(DG)(DG)(DA)(DG)(DT)(DA)(DA)(DT)(DC)(DC)
(DC)(DC)(DT)(DT)(DG)(DG)(DC)(DG)(DG)(DT)(DT)(DA)(DA)(DA)(DA)(DC)(DG)(DC)(DG)(DG)
(DG)(DG)(DG)(DA)(DC)(DA)(DG)(DC)(DG)(DC)(DG)(DT)(DA)(DC)(DG)(DT)(DG)(DC)(DG)(DT)
(DT)(DT)(DA)(DA)(DG)(DC)(DG)(DG)(DT)(DG)(DC)(DT)(DA)(DG)(DA)(DG)(DC)(DT)(DG)(DT)
(DC)(DT)(DA)(DC)(DG)(DA)(DC)(DC)(DA)(DA)(DT)(DT)(DG)(DA)(DG)(DC)(DG)(DG)(DC)(DC)
(DT)(DC)(DG)(DG)(DC)(DA)(DC)(DC)(DG)(DG)(DG)(DA)(DT)(DT)(DC)(DT)(DC)(DC)(DA)(DG)
;
Y
#
# COMPACT_ATOMS: atom_id res chain seq x y z
N SER A 1 22.87 -13.10 -33.95
CA SER A 1 23.69 -14.23 -33.47
C SER A 1 22.80 -15.30 -32.85
N ASN A 2 23.19 -16.57 -32.99
CA ASN A 2 22.51 -17.76 -32.42
C ASN A 2 20.97 -17.71 -32.51
N ALA A 3 20.43 -17.49 -33.70
CA ALA A 3 19.03 -17.12 -33.92
C ALA A 3 17.99 -18.15 -33.43
N MET A 4 18.36 -19.42 -33.31
CA MET A 4 17.52 -20.45 -32.70
C MET A 4 17.48 -20.33 -31.17
N ALA A 5 18.58 -19.92 -30.54
CA ALA A 5 18.71 -19.81 -29.08
C ALA A 5 18.20 -18.47 -28.53
N GLY A 6 18.49 -17.36 -29.19
CA GLY A 6 17.96 -16.03 -28.89
C GLY A 6 17.10 -15.49 -30.03
N ASN A 7 15.79 -15.40 -29.83
CA ASN A 7 14.81 -15.03 -30.86
C ASN A 7 14.74 -13.50 -31.13
N PHE A 8 14.90 -12.70 -30.08
CA PHE A 8 14.71 -11.26 -30.08
C PHE A 8 15.96 -10.51 -30.53
N ALA A 9 15.82 -9.25 -30.91
CA ALA A 9 16.96 -8.40 -31.24
C ALA A 9 17.78 -8.10 -29.98
N ASN A 10 19.10 -8.11 -30.10
CA ASN A 10 19.97 -7.87 -28.95
C ASN A 10 19.85 -6.43 -28.44
N ALA A 11 19.55 -5.48 -29.30
CA ALA A 11 19.46 -4.04 -28.98
C ALA A 11 18.24 -3.75 -28.11
N ARG A 12 17.25 -4.63 -28.17
CA ARG A 12 15.97 -4.51 -27.45
C ARG A 12 16.10 -5.22 -26.11
N VAL A 13 16.80 -6.34 -26.04
CA VAL A 13 17.09 -7.05 -24.75
C VAL A 13 18.07 -6.20 -23.90
N GLU A 14 19.06 -5.56 -24.51
CA GLU A 14 19.94 -4.60 -23.86
C GLU A 14 19.19 -3.39 -23.31
N LYS A 15 18.26 -2.78 -24.08
CA LYS A 15 17.41 -1.68 -23.61
C LYS A 15 16.60 -2.06 -22.38
N LEU A 16 16.03 -3.26 -22.34
CA LEU A 16 15.30 -3.78 -21.18
C LEU A 16 16.19 -3.88 -19.93
N ILE A 17 17.44 -4.30 -20.05
CA ILE A 17 18.33 -4.50 -18.87
C ILE A 17 18.80 -3.15 -18.34
N ARG A 18 18.88 -2.13 -19.20
CA ARG A 18 19.39 -0.78 -18.88
C ARG A 18 18.27 0.07 -18.27
N GLN A 19 17.02 -0.26 -18.56
CA GLN A 19 15.83 0.39 -17.98
C GLN A 19 15.50 -0.28 -16.64
N ALA A 20 15.88 -1.54 -16.45
CA ALA A 20 15.92 -2.14 -15.12
C ALA A 20 16.93 -1.49 -14.15
N GLY A 21 17.80 -0.60 -14.63
CA GLY A 21 18.74 0.19 -13.82
C GLY A 21 20.21 -0.08 -14.08
N ALA A 22 20.59 -0.89 -15.06
CA ALA A 22 21.98 -1.23 -15.31
C ALA A 22 22.82 -0.02 -15.74
N GLN A 23 23.94 0.20 -15.05
CA GLN A 23 24.91 1.24 -15.37
C GLN A 23 25.72 0.84 -16.61
N ARG A 24 26.10 -0.44 -16.73
CA ARG A 24 26.77 -1.04 -17.88
C ARG A 24 26.25 -2.46 -18.11
N VAL A 25 26.28 -2.97 -19.34
CA VAL A 25 25.78 -4.31 -19.67
C VAL A 25 26.74 -5.09 -20.57
N SER A 26 27.22 -6.24 -20.13
CA SER A 26 28.05 -7.14 -20.92
C SER A 26 27.32 -7.81 -22.10
N ALA A 27 27.96 -7.99 -23.25
CA ALA A 27 27.34 -8.64 -24.40
C ALA A 27 26.89 -10.08 -24.10
N ASP A 28 27.64 -10.82 -23.29
CA ASP A 28 27.24 -12.14 -22.81
C ASP A 28 25.98 -12.10 -21.93
N ALA A 29 25.77 -11.05 -21.13
CA ALA A 29 24.54 -10.90 -20.37
C ALA A 29 23.33 -10.63 -21.27
N VAL A 30 23.50 -9.86 -22.35
CA VAL A 30 22.46 -9.64 -23.35
C VAL A 30 22.09 -10.95 -24.06
N ASP A 31 23.08 -11.76 -24.43
CA ASP A 31 22.86 -13.08 -25.03
C ASP A 31 22.18 -14.08 -24.08
N LYS A 32 22.58 -14.12 -22.80
CA LYS A 32 21.96 -14.97 -21.78
C LYS A 32 20.52 -14.56 -21.50
N MET A 33 20.22 -13.27 -21.39
CA MET A 33 18.86 -12.79 -21.19
C MET A 33 17.98 -13.11 -22.40
N ASN A 34 18.49 -12.95 -23.61
CA ASN A 34 17.78 -13.29 -24.85
C ASN A 34 17.39 -14.77 -24.90
N GLU A 35 18.31 -15.66 -24.52
CA GLU A 35 18.09 -17.09 -24.42
C GLU A 35 17.05 -17.49 -23.35
N ILE A 36 17.12 -16.88 -22.17
CA ILE A 36 16.17 -17.10 -21.08
C ILE A 36 14.75 -16.63 -21.45
N LEU A 37 14.59 -15.47 -22.09
CA LEU A 37 13.30 -15.01 -22.62
C LEU A 37 12.76 -15.93 -23.71
N THR A 38 13.63 -16.38 -24.60
CA THR A 38 13.23 -17.27 -25.71
C THR A 38 12.77 -18.62 -25.19
N ASP A 39 13.49 -19.26 -24.26
CA ASP A 39 13.10 -20.56 -23.71
C ASP A 39 11.77 -20.49 -22.96
N TRP A 40 11.56 -19.43 -22.19
CA TRP A 40 10.32 -19.24 -21.43
C TRP A 40 9.13 -18.88 -22.32
N GLY A 41 9.33 -18.00 -23.29
CA GLY A 41 8.33 -17.65 -24.29
C GLY A 41 7.88 -18.83 -25.13
N LYS A 42 8.82 -19.69 -25.57
CA LYS A 42 8.54 -20.94 -26.30
C LYS A 42 7.70 -21.91 -25.49
N ASN A 43 7.92 -22.05 -24.19
CA ASN A 43 7.10 -22.90 -23.33
C ASN A 43 5.65 -22.42 -23.26
N ILE A 44 5.44 -21.12 -23.06
CA ILE A 44 4.10 -20.55 -23.02
C ILE A 44 3.41 -20.65 -24.39
N ALA A 45 4.09 -20.33 -25.48
CA ALA A 45 3.50 -20.39 -26.81
C ALA A 45 3.10 -21.81 -27.20
N LYS A 46 3.91 -22.84 -26.90
CA LYS A 46 3.58 -24.23 -27.18
C LYS A 46 2.32 -24.66 -26.45
N TYR A 47 2.17 -24.28 -25.19
CA TYR A 47 0.96 -24.62 -24.43
C TYR A 47 -0.29 -23.84 -24.87
N ALA A 48 -0.17 -22.58 -25.25
CA ALA A 48 -1.26 -21.77 -25.81
C ALA A 48 -1.79 -22.31 -27.13
N VAL A 49 -0.92 -22.86 -27.97
CA VAL A 49 -1.29 -23.54 -29.21
C VAL A 49 -2.11 -24.80 -28.92
N GLU A 50 -1.77 -25.60 -27.90
CA GLU A 50 -2.59 -26.74 -27.49
C GLU A 50 -3.95 -26.34 -26.91
N ILE A 51 -4.04 -25.22 -26.18
CA ILE A 51 -5.32 -24.66 -25.70
C ILE A 51 -6.20 -24.17 -26.86
N ALA A 52 -5.63 -23.49 -27.84
CA ALA A 52 -6.37 -23.02 -29.04
C ALA A 52 -7.05 -24.20 -29.70
N ARG A 53 -6.35 -25.32 -29.84
CA ARG A 53 -6.71 -26.48 -30.68
C ARG A 53 -7.68 -27.39 -29.94
N HIS A 54 -7.60 -27.39 -28.61
CA HIS A 54 -8.54 -28.05 -27.70
C HIS A 54 -9.86 -27.29 -27.76
N SER A 55 -9.76 -25.97 -27.80
CA SER A 55 -10.95 -25.13 -27.98
C SER A 55 -11.68 -25.39 -29.31
N GLY A 56 -10.97 -25.80 -30.35
CA GLY A 56 -11.53 -26.16 -31.66
C GLY A 56 -11.13 -25.21 -32.77
N ARG A 57 -10.02 -24.47 -32.57
CA ARG A 57 -9.66 -23.29 -33.38
C ARG A 57 -8.24 -23.47 -33.95
N LYS A 58 -8.00 -22.88 -35.13
CA LYS A 58 -6.66 -22.75 -35.73
C LYS A 58 -5.90 -21.53 -35.21
N THR A 59 -6.61 -20.50 -34.76
CA THR A 59 -6.05 -19.20 -34.38
C THR A 59 -5.71 -19.15 -32.89
N VAL A 60 -4.47 -18.82 -32.55
CA VAL A 60 -4.10 -18.44 -31.18
C VAL A 60 -4.63 -17.03 -30.89
N LYS A 61 -5.38 -16.86 -29.80
CA LYS A 61 -6.01 -15.61 -29.36
C LYS A 61 -5.48 -15.14 -28.00
N GLU A 62 -5.83 -13.93 -27.59
CA GLU A 62 -5.35 -13.31 -26.35
C GLU A 62 -5.65 -14.15 -25.10
N ASN A 63 -6.83 -14.77 -25.05
CA ASN A 63 -7.29 -15.58 -23.94
C ASN A 63 -6.52 -16.89 -23.78
N ASP A 64 -6.03 -17.48 -24.88
CA ASP A 64 -5.20 -18.69 -24.85
C ASP A 64 -3.82 -18.40 -24.30
N ILE A 65 -3.21 -17.27 -24.68
CA ILE A 65 -1.94 -16.81 -24.13
C ILE A 65 -2.09 -16.52 -22.64
N LYS A 66 -3.16 -15.81 -22.25
CA LYS A 66 -3.46 -15.48 -20.85
C LYS A 66 -3.66 -16.72 -19.98
N LEU A 67 -4.41 -17.73 -20.44
CA LEU A 67 -4.59 -18.99 -19.73
C LEU A 67 -3.31 -19.85 -19.66
N ALA A 68 -2.51 -19.89 -20.72
CA ALA A 68 -1.24 -20.61 -20.73
C ALA A 68 -0.19 -20.02 -19.79
N ALA A 69 -0.12 -18.69 -19.65
CA ALA A 69 0.78 -18.04 -18.73
C ALA A 69 0.41 -18.28 -17.25
N GLN A 70 -0.87 -18.42 -16.94
CA GLN A 70 -1.37 -18.74 -15.60
C GLN A 70 -1.12 -20.17 -15.12
N LYS A 71 -0.59 -21.07 -15.96
CA LYS A 71 -0.47 -22.51 -15.67
C LYS A 71 0.46 -22.84 -14.49
N SER B 1 3.78 -0.33 -31.18
CA SER B 1 2.60 -0.02 -30.36
C SER B 1 2.89 -0.29 -28.88
N ASN B 2 2.30 0.51 -27.99
CA ASN B 2 2.39 0.38 -26.52
C ASN B 2 3.82 0.07 -26.00
N ALA B 3 4.80 0.87 -26.41
CA ALA B 3 6.23 0.55 -26.26
C ALA B 3 6.71 0.35 -24.82
N MET B 4 6.04 0.91 -23.82
CA MET B 4 6.30 0.65 -22.41
C MET B 4 5.80 -0.73 -21.97
N ALA B 5 4.67 -1.20 -22.51
CA ALA B 5 4.04 -2.46 -22.16
C ALA B 5 4.60 -3.66 -22.92
N GLY B 6 4.87 -3.53 -24.22
CA GLY B 6 5.54 -4.51 -25.05
C GLY B 6 6.87 -3.99 -25.58
N ASN B 7 8.00 -4.52 -25.09
CA ASN B 7 9.34 -4.03 -25.39
C ASN B 7 9.89 -4.51 -26.76
N PHE B 8 9.55 -5.74 -27.16
CA PHE B 8 10.06 -6.44 -28.31
C PHE B 8 9.30 -6.09 -29.60
N ALA B 9 9.87 -6.36 -30.75
CA ALA B 9 9.20 -6.19 -32.02
C ALA B 9 8.06 -7.21 -32.16
N ASN B 10 6.92 -6.79 -32.70
CA ASN B 10 5.76 -7.67 -32.84
C ASN B 10 6.02 -8.81 -33.84
N ALA B 11 6.85 -8.56 -34.85
CA ALA B 11 7.17 -9.51 -35.93
C ALA B 11 8.00 -10.68 -35.42
N ARG B 12 8.70 -10.47 -34.31
CA ARG B 12 9.60 -11.45 -33.67
C ARG B 12 8.80 -12.25 -32.65
N VAL B 13 7.87 -11.64 -31.93
CA VAL B 13 6.95 -12.35 -30.99
C VAL B 13 5.96 -13.22 -31.80
N GLU B 14 5.46 -12.75 -32.93
CA GLU B 14 4.66 -13.53 -33.87
C GLU B 14 5.43 -14.74 -34.44
N LYS B 15 6.69 -14.57 -34.86
CA LYS B 15 7.54 -15.68 -35.33
C LYS B 15 7.71 -16.76 -34.26
N LEU B 16 7.91 -16.39 -33.00
CA LEU B 16 8.00 -17.32 -31.87
C LEU B 16 6.71 -18.14 -31.71
N ILE B 17 5.53 -17.54 -31.86
CA ILE B 17 4.24 -18.25 -31.61
C ILE B 17 3.95 -19.20 -32.77
N ARG B 18 4.45 -18.91 -33.97
CA ARG B 18 4.21 -19.67 -35.21
C ARG B 18 5.18 -20.85 -35.31
N GLN B 19 6.32 -20.75 -34.65
CA GLN B 19 7.32 -21.83 -34.54
C GLN B 19 6.95 -22.76 -33.39
N ALA B 20 6.24 -22.26 -32.39
CA ALA B 20 5.55 -23.12 -31.42
C ALA B 20 4.44 -24.00 -32.03
N GLY B 21 4.07 -23.79 -33.30
CA GLY B 21 3.12 -24.61 -34.04
C GLY B 21 1.83 -23.92 -34.47
N ALA B 22 1.67 -22.62 -34.26
CA ALA B 22 0.43 -21.92 -34.57
C ALA B 22 0.14 -21.89 -36.09
N GLN B 23 -1.07 -22.31 -36.46
CA GLN B 23 -1.55 -22.28 -37.83
C GLN B 23 -1.91 -20.83 -38.23
N ARG B 24 -2.52 -20.07 -37.32
CA ARG B 24 -2.83 -18.64 -37.45
C ARG B 24 -2.62 -17.92 -36.12
N VAL B 25 -2.31 -16.63 -36.11
CA VAL B 25 -2.06 -15.87 -34.88
C VAL B 25 -2.77 -14.51 -34.90
N SER B 26 -3.64 -14.25 -33.94
CA SER B 26 -4.31 -12.96 -33.76
C SER B 26 -3.37 -11.84 -33.32
N ALA B 27 -3.55 -10.61 -33.80
CA ALA B 27 -2.72 -9.47 -33.41
C ALA B 27 -2.78 -9.18 -31.90
N ASP B 28 -3.94 -9.37 -31.27
CA ASP B 28 -4.09 -9.28 -29.81
C ASP B 28 -3.29 -10.35 -29.06
N ALA B 29 -3.15 -11.55 -29.61
CA ALA B 29 -2.29 -12.58 -29.00
C ALA B 29 -0.81 -12.21 -29.09
N VAL B 30 -0.37 -11.61 -30.19
CA VAL B 30 0.99 -11.10 -30.33
C VAL B 30 1.28 -9.98 -29.31
N ASP B 31 0.34 -9.05 -29.11
CA ASP B 31 0.43 -8.00 -28.11
C ASP B 31 0.44 -8.51 -26.67
N LYS B 32 -0.41 -9.50 -26.34
CA LYS B 32 -0.45 -10.14 -25.03
C LYS B 32 0.83 -10.91 -24.74
N MET B 33 1.37 -11.67 -25.69
CA MET B 33 2.62 -12.38 -25.50
C MET B 33 3.79 -11.41 -25.31
N ASN B 34 3.83 -10.32 -26.07
CA ASN B 34 4.85 -9.28 -25.93
C ASN B 34 4.85 -8.64 -24.53
N GLU B 35 3.68 -8.36 -23.99
CA GLU B 35 3.48 -7.85 -22.63
C GLU B 35 3.91 -8.83 -21.54
N ILE B 36 3.56 -10.10 -21.67
CA ILE B 36 3.94 -11.17 -20.74
C ILE B 36 5.46 -11.42 -20.75
N LEU B 37 6.13 -11.42 -21.90
CA LEU B 37 7.58 -11.48 -21.99
C LEU B 37 8.26 -10.26 -21.37
N THR B 38 7.71 -9.07 -21.61
CA THR B 38 8.27 -7.83 -21.08
C THR B 38 8.15 -7.77 -19.57
N ASP B 39 7.01 -8.10 -18.98
CA ASP B 39 6.83 -8.08 -17.53
C ASP B 39 7.75 -9.07 -16.82
N TRP B 40 7.91 -10.27 -17.38
CA TRP B 40 8.77 -11.30 -16.81
C TRP B 40 10.25 -10.99 -16.97
N GLY B 41 10.66 -10.51 -18.14
CA GLY B 41 12.01 -10.04 -18.40
C GLY B 41 12.44 -8.90 -17.51
N LYS B 42 11.56 -7.90 -17.29
CA LYS B 42 11.79 -6.79 -16.36
C LYS B 42 12.00 -7.24 -14.91
N ASN B 43 11.27 -8.25 -14.44
CA ASN B 43 11.48 -8.78 -13.09
C ASN B 43 12.86 -9.42 -12.94
N ILE B 44 13.29 -10.23 -13.90
CA ILE B 44 14.61 -10.83 -13.88
C ILE B 44 15.71 -9.78 -13.99
N ALA B 45 15.61 -8.83 -14.91
CA ALA B 45 16.61 -7.80 -15.09
C ALA B 45 16.78 -6.92 -13.85
N LYS B 46 15.69 -6.52 -13.18
CA LYS B 46 15.75 -5.72 -11.95
C LYS B 46 16.49 -6.46 -10.85
N TYR B 47 16.24 -7.76 -10.68
CA TYR B 47 16.95 -8.54 -9.67
C TYR B 47 18.43 -8.82 -10.01
N ALA B 48 18.78 -9.03 -11.27
CA ALA B 48 20.15 -9.18 -11.75
C ALA B 48 21.00 -7.92 -11.53
N VAL B 49 20.40 -6.75 -11.69
CA VAL B 49 21.04 -5.46 -11.38
C VAL B 49 21.35 -5.34 -9.89
N GLU B 50 20.47 -5.78 -8.99
CA GLU B 50 20.77 -5.81 -7.55
C GLU B 50 21.86 -6.81 -7.19
N ILE B 51 21.93 -7.97 -7.85
CA ILE B 51 23.03 -8.94 -7.68
C ILE B 51 24.38 -8.38 -8.18
N ALA B 52 24.40 -7.70 -9.31
CA ALA B 52 25.62 -7.07 -9.84
C ALA B 52 26.20 -6.12 -8.80
N ARG B 53 25.35 -5.33 -8.16
CA ARG B 53 25.71 -4.17 -7.32
C ARG B 53 26.07 -4.63 -5.91
N HIS B 54 25.50 -5.75 -5.49
CA HIS B 54 25.85 -6.47 -4.24
C HIS B 54 27.23 -7.07 -4.41
N SER B 55 27.47 -7.61 -5.60
CA SER B 55 28.81 -8.11 -5.92
C SER B 55 29.90 -7.04 -5.89
N GLY B 56 29.56 -5.78 -6.17
CA GLY B 56 30.47 -4.64 -6.09
C GLY B 56 30.75 -4.02 -7.45
N ARG B 57 29.88 -4.26 -8.43
CA ARG B 57 30.14 -3.99 -9.86
C ARG B 57 29.05 -3.09 -10.45
N LYS B 58 29.42 -2.29 -11.44
CA LYS B 58 28.49 -1.51 -12.28
C LYS B 58 27.91 -2.33 -13.44
N THR B 59 28.63 -3.35 -13.90
CA THR B 59 28.29 -4.13 -15.09
C THR B 59 27.44 -5.34 -14.75
N VAL B 60 26.29 -5.50 -15.39
CA VAL B 60 25.54 -6.76 -15.39
C VAL B 60 26.23 -7.77 -16.29
N LYS B 61 26.54 -8.96 -15.76
CA LYS B 61 27.24 -10.06 -16.45
C LYS B 61 26.38 -11.30 -16.58
N GLU B 62 26.81 -12.29 -17.35
CA GLU B 62 26.07 -13.52 -17.63
C GLU B 62 25.66 -14.28 -16.36
N ASN B 63 26.54 -14.33 -15.37
CA ASN B 63 26.33 -15.04 -14.11
C ASN B 63 25.27 -14.38 -13.23
N ASP B 64 25.11 -13.06 -13.28
CA ASP B 64 24.07 -12.34 -12.56
C ASP B 64 22.69 -12.62 -13.14
N ILE B 65 22.56 -12.65 -14.47
CA ILE B 65 21.34 -13.03 -15.16
C ILE B 65 20.97 -14.48 -14.84
N LYS B 66 21.94 -15.39 -14.91
CA LYS B 66 21.77 -16.81 -14.59
C LYS B 66 21.32 -17.05 -13.15
N LEU B 67 21.93 -16.38 -12.17
CA LEU B 67 21.51 -16.45 -10.76
C LEU B 67 20.14 -15.82 -10.49
N ALA B 68 19.80 -14.69 -11.12
CA ALA B 68 18.51 -14.06 -11.00
C ALA B 68 17.35 -14.88 -11.58
N ALA B 69 17.56 -15.58 -12.69
CA ALA B 69 16.56 -16.47 -13.28
C ALA B 69 16.28 -17.71 -12.42
N GLN B 70 17.27 -18.21 -11.70
CA GLN B 70 17.13 -19.35 -10.79
C GLN B 70 16.38 -19.04 -9.47
N LYS B 71 15.99 -17.80 -9.19
CA LYS B 71 15.42 -17.37 -7.91
C LYS B 71 14.07 -18.00 -7.57
N SER C 1 11.54 -33.82 18.40
CA SER C 1 10.82 -34.71 17.46
C SER C 1 11.05 -34.27 16.02
N ASN C 2 11.10 -35.24 15.09
CA ASN C 2 11.26 -35.04 13.63
C ASN C 2 12.30 -33.96 13.26
N ALA C 3 13.51 -34.07 13.77
CA ALA C 3 14.51 -32.99 13.77
C ALA C 3 14.94 -32.51 12.37
N MET C 4 14.79 -33.32 11.33
CA MET C 4 15.01 -32.91 9.94
C MET C 4 13.85 -32.04 9.41
N ALA C 5 12.61 -32.31 9.84
CA ALA C 5 11.41 -31.61 9.38
C ALA C 5 11.13 -30.33 10.16
N GLY C 6 11.29 -30.33 11.48
CA GLY C 6 11.21 -29.16 12.35
C GLY C 6 12.54 -28.86 13.01
N ASN C 7 13.22 -27.78 12.63
CA ASN C 7 14.56 -27.43 13.09
C ASN C 7 14.60 -26.78 14.48
N PHE C 8 13.59 -25.98 14.81
CA PHE C 8 13.52 -25.14 15.99
C PHE C 8 12.96 -25.90 17.20
N ALA C 9 13.16 -25.39 18.40
CA ALA C 9 12.58 -25.95 19.60
C ALA C 9 11.06 -25.76 19.60
N ASN C 10 10.30 -26.76 20.03
CA ASN C 10 8.85 -26.70 20.03
C ASN C 10 8.33 -25.65 21.02
N ALA C 11 9.04 -25.41 22.11
CA ALA C 11 8.66 -24.49 23.20
C ALA C 11 8.74 -23.04 22.74
N ARG C 12 9.53 -22.78 21.71
CA ARG C 12 9.77 -21.45 21.14
C ARG C 12 8.77 -21.20 20.02
N VAL C 13 8.41 -22.21 19.23
CA VAL C 13 7.36 -22.11 18.18
C VAL C 13 5.98 -21.97 18.86
N GLU C 14 5.72 -22.68 19.96
CA GLU C 14 4.54 -22.52 20.79
C GLU C 14 4.42 -21.11 21.40
N LYS C 15 5.51 -20.55 21.95
CA LYS C 15 5.54 -19.17 22.46
C LYS C 15 5.17 -18.15 21.39
N LEU C 16 5.67 -18.30 20.17
CA LEU C 16 5.32 -17.45 19.04
C LEU C 16 3.82 -17.49 18.71
N ILE C 17 3.18 -18.65 18.77
CA ILE C 17 1.74 -18.79 18.37
C ILE C 17 0.86 -18.21 19.48
N ARG C 18 1.32 -18.21 20.73
CA ARG C 18 0.56 -17.75 21.91
C ARG C 18 0.69 -16.24 22.07
N GLN C 19 1.75 -15.65 21.53
CA GLN C 19 1.97 -14.19 21.49
C GLN C 19 1.25 -13.60 20.29
N ALA C 20 1.04 -14.39 19.23
CA ALA C 20 0.09 -14.02 18.18
C ALA C 20 -1.39 -13.95 18.65
N GLY C 21 -1.69 -14.37 19.88
CA GLY C 21 -3.00 -14.25 20.51
C GLY C 21 -3.72 -15.57 20.82
N ALA C 22 -3.10 -16.74 20.63
CA ALA C 22 -3.73 -18.02 20.85
C ALA C 22 -4.11 -18.25 22.32
N GLN C 23 -5.37 -18.60 22.56
CA GLN C 23 -5.88 -18.95 23.87
C GLN C 23 -5.41 -20.35 24.27
N ARG C 24 -5.37 -21.30 23.32
CA ARG C 24 -4.83 -22.66 23.48
C ARG C 24 -4.13 -23.09 22.18
N VAL C 25 -3.15 -23.98 22.25
CA VAL C 25 -2.39 -24.42 21.07
C VAL C 25 -2.21 -25.94 21.05
N SER C 26 -2.68 -26.62 20.02
CA SER C 26 -2.48 -28.05 19.81
C SER C 26 -1.04 -28.44 19.49
N ALA C 27 -0.54 -29.57 19.99
CA ALA C 27 0.83 -30.02 19.71
C ALA C 27 1.08 -30.25 18.21
N ASP C 28 0.09 -30.73 17.47
CA ASP C 28 0.16 -30.83 16.01
C ASP C 28 0.28 -29.48 15.31
N ALA C 29 -0.33 -28.41 15.83
CA ALA C 29 -0.16 -27.07 15.29
C ALA C 29 1.26 -26.53 15.52
N VAL C 30 1.86 -26.83 16.68
CA VAL C 30 3.25 -26.48 16.97
C VAL C 30 4.21 -27.21 16.02
N ASP C 31 3.99 -28.49 15.76
CA ASP C 31 4.76 -29.29 14.79
C ASP C 31 4.60 -28.81 13.34
N LYS C 32 3.39 -28.46 12.91
CA LYS C 32 3.12 -27.91 11.58
C LYS C 32 3.76 -26.54 11.40
N MET C 33 3.68 -25.65 12.37
CA MET C 33 4.32 -24.34 12.30
C MET C 33 5.85 -24.47 12.25
N ASN C 34 6.43 -25.38 13.04
CA ASN C 34 7.87 -25.66 13.03
C ASN C 34 8.35 -26.13 11.66
N GLU C 35 7.61 -27.01 11.01
CA GLU C 35 7.87 -27.51 9.66
C GLU C 35 7.78 -26.41 8.58
N ILE C 36 6.75 -25.57 8.64
CA ILE C 36 6.55 -24.43 7.73
C ILE C 36 7.65 -23.38 7.87
N LEU C 37 8.08 -23.03 9.09
CA LEU C 37 9.25 -22.17 9.32
C LEU C 37 10.55 -22.76 8.81
N THR C 38 10.74 -24.06 9.02
CA THR C 38 11.95 -24.76 8.59
C THR C 38 12.04 -24.82 7.08
N ASP C 39 10.97 -25.18 6.37
CA ASP C 39 10.98 -25.25 4.90
C ASP C 39 11.23 -23.89 4.26
N TRP C 40 10.64 -22.83 4.80
CA TRP C 40 10.82 -21.47 4.29
C TRP C 40 12.19 -20.89 4.61
N GLY C 41 12.69 -21.10 5.82
CA GLY C 41 14.04 -20.72 6.22
C GLY C 41 15.12 -21.41 5.42
N LYS C 42 14.98 -22.71 5.13
CA LYS C 42 15.89 -23.47 4.26
C LYS C 42 15.94 -22.93 2.84
N ASN C 43 14.82 -22.50 2.27
CA ASN C 43 14.82 -21.90 0.93
C ASN C 43 15.61 -20.59 0.90
N ILE C 44 15.42 -19.70 1.87
CA ILE C 44 16.16 -18.46 1.96
C ILE C 44 17.65 -18.71 2.21
N ALA C 45 18.00 -19.59 3.14
CA ALA C 45 19.38 -19.87 3.45
C ALA C 45 20.14 -20.47 2.25
N LYS C 46 19.54 -21.39 1.49
CA LYS C 46 20.16 -21.97 0.30
C LYS C 46 20.46 -20.92 -0.74
N TYR C 47 19.54 -19.97 -0.97
CA TYR C 47 19.77 -18.89 -1.93
C TYR C 47 20.80 -17.84 -1.46
N ALA C 48 20.83 -17.51 -0.16
CA ALA C 48 21.83 -16.64 0.44
C ALA C 48 23.25 -17.18 0.34
N VAL C 49 23.41 -18.49 0.46
CA VAL C 49 24.69 -19.17 0.27
C VAL C 49 25.17 -19.06 -1.18
N GLU C 50 24.28 -19.17 -2.18
CA GLU C 50 24.65 -18.93 -3.58
C GLU C 50 25.02 -17.47 -3.86
N ILE C 51 24.36 -16.49 -3.23
CA ILE C 51 24.73 -15.07 -3.31
C ILE C 51 26.10 -14.78 -2.67
N ALA C 52 26.39 -15.37 -1.52
CA ALA C 52 27.70 -15.21 -0.86
C ALA C 52 28.80 -15.63 -1.81
N ARG C 53 28.63 -16.75 -2.51
CA ARG C 53 29.65 -17.47 -3.29
C ARG C 53 29.82 -16.84 -4.66
N HIS C 54 28.76 -16.23 -5.17
CA HIS C 54 28.76 -15.40 -6.40
C HIS C 54 29.53 -14.13 -6.11
N SER C 55 29.31 -13.59 -4.91
CA SER C 55 30.10 -12.44 -4.47
C SER C 55 31.60 -12.70 -4.37
N GLY C 56 32.01 -13.94 -4.10
CA GLY C 56 33.41 -14.37 -4.05
C GLY C 56 33.86 -14.75 -2.65
N ARG C 57 32.91 -15.09 -1.77
CA ARG C 57 33.13 -15.20 -0.31
C ARG C 57 32.69 -16.58 0.20
N LYS C 58 33.35 -17.07 1.25
CA LYS C 58 32.95 -18.27 2.00
C LYS C 58 31.90 -17.96 3.08
N THR C 59 31.87 -16.72 3.57
CA THR C 59 31.04 -16.30 4.71
C THR C 59 29.68 -15.78 4.24
N VAL C 60 28.58 -16.33 4.77
CA VAL C 60 27.25 -15.71 4.66
C VAL C 60 27.17 -14.51 5.59
N LYS C 61 26.80 -13.33 5.08
CA LYS C 61 26.69 -12.05 5.79
C LYS C 61 25.26 -11.53 5.79
N GLU C 62 24.99 -10.49 6.59
CA GLU C 62 23.65 -9.90 6.75
C GLU C 62 23.01 -9.47 5.43
N ASN C 63 23.81 -8.88 4.53
CA ASN C 63 23.37 -8.38 3.24
C ASN C 63 22.94 -9.50 2.27
N ASP C 64 23.56 -10.68 2.36
CA ASP C 64 23.18 -11.84 1.54
C ASP C 64 21.83 -12.41 1.98
N ILE C 65 21.59 -12.49 3.29
CA ILE C 65 20.30 -12.90 3.85
C ILE C 65 19.22 -11.90 3.45
N LYS C 66 19.50 -10.60 3.58
CA LYS C 66 18.58 -9.52 3.21
C LYS C 66 18.21 -9.53 1.73
N LEU C 67 19.18 -9.71 0.83
CA LEU C 67 18.93 -9.83 -0.61
C LEU C 67 18.20 -11.12 -0.99
N ALA C 68 18.49 -12.26 -0.37
CA ALA C 68 17.79 -13.51 -0.61
C ALA C 68 16.33 -13.50 -0.16
N ALA C 69 16.00 -12.84 0.94
CA ALA C 69 14.62 -12.70 1.41
C ALA C 69 13.77 -11.81 0.49
N GLN C 70 14.38 -10.80 -0.14
CA GLN C 70 13.71 -9.92 -1.09
C GLN C 70 13.39 -10.55 -2.47
N LYS C 71 13.81 -11.79 -2.75
CA LYS C 71 13.71 -12.42 -4.08
C LYS C 71 12.28 -12.65 -4.56
N SER D 1 19.69 -12.60 22.69
CA SER D 1 19.77 -11.19 22.26
C SER D 1 18.49 -10.78 21.51
N ASN D 2 18.08 -9.52 21.66
CA ASN D 2 16.93 -8.91 21.00
C ASN D 2 15.68 -9.81 20.94
N ALA D 3 15.24 -10.34 22.08
CA ALA D 3 14.27 -11.43 22.17
C ALA D 3 12.89 -11.15 21.55
N MET D 4 12.49 -9.88 21.44
CA MET D 4 11.28 -9.48 20.72
C MET D 4 11.45 -9.57 19.19
N ALA D 5 12.65 -9.26 18.68
CA ALA D 5 12.96 -9.24 17.25
C ALA D 5 13.35 -10.61 16.69
N GLY D 6 14.14 -11.39 17.41
CA GLY D 6 14.49 -12.77 17.09
C GLY D 6 13.97 -13.74 18.15
N ASN D 7 12.96 -14.55 17.84
CA ASN D 7 12.28 -15.43 18.78
C ASN D 7 13.04 -16.74 19.09
N PHE D 8 13.73 -17.28 18.09
CA PHE D 8 14.37 -18.59 18.09
C PHE D 8 15.78 -18.52 18.70
N ALA D 9 16.34 -19.65 19.10
CA ALA D 9 17.72 -19.72 19.55
C ALA D 9 18.68 -19.48 18.39
N ASN D 10 19.75 -18.73 18.62
CA ASN D 10 20.72 -18.40 17.58
C ASN D 10 21.47 -19.64 17.09
N ALA D 11 21.68 -20.62 17.95
CA ALA D 11 22.43 -21.86 17.66
C ALA D 11 21.68 -22.76 16.69
N ARG D 12 20.37 -22.59 16.62
CA ARG D 12 19.45 -23.39 15.79
C ARG D 12 19.28 -22.68 14.45
N VAL D 13 19.25 -21.36 14.42
CA VAL D 13 19.20 -20.56 13.14
C VAL D 13 20.56 -20.69 12.43
N GLU D 14 21.69 -20.68 13.14
CA GLU D 14 23.01 -20.97 12.60
C GLU D 14 23.12 -22.38 12.02
N LYS D 15 22.63 -23.42 12.71
CA LYS D 15 22.59 -24.80 12.19
C LYS D 15 21.83 -24.90 10.89
N LEU D 16 20.69 -24.22 10.75
CA LEU D 16 19.90 -24.16 9.51
C LEU D 16 20.70 -23.56 8.35
N ILE D 17 21.49 -22.51 8.59
CA ILE D 17 22.22 -21.80 7.49
C ILE D 17 23.41 -22.64 7.05
N ARG D 18 23.97 -23.46 7.94
CA ARG D 18 25.18 -24.29 7.71
C ARG D 18 24.80 -25.59 7.01
N GLN D 19 23.55 -26.03 7.17
CA GLN D 19 22.99 -27.22 6.50
C GLN D 19 22.48 -26.82 5.11
N ALA D 20 22.10 -25.55 4.93
CA ALA D 20 21.92 -24.99 3.58
C ALA D 20 23.21 -24.93 2.74
N GLY D 21 24.38 -25.20 3.33
CA GLY D 21 25.66 -25.30 2.64
C GLY D 21 26.71 -24.26 3.02
N ALA D 22 26.47 -23.40 4.01
CA ALA D 22 27.39 -22.34 4.38
C ALA D 22 28.72 -22.89 4.93
N GLN D 23 29.83 -22.42 4.36
CA GLN D 23 31.18 -22.76 4.81
C GLN D 23 31.51 -21.99 6.09
N ARG D 24 31.09 -20.74 6.21
CA ARG D 24 31.20 -19.90 7.41
C ARG D 24 29.95 -19.02 7.56
N VAL D 25 29.57 -18.61 8.76
CA VAL D 25 28.37 -17.79 9.00
C VAL D 25 28.64 -16.65 9.96
N SER D 26 28.43 -15.41 9.54
CA SER D 26 28.53 -14.22 10.39
C SER D 26 27.44 -14.12 11.46
N ALA D 27 27.75 -13.65 12.67
CA ALA D 27 26.77 -13.50 13.73
C ALA D 27 25.63 -12.55 13.36
N ASP D 28 25.90 -11.49 12.60
CA ASP D 28 24.88 -10.60 12.04
C ASP D 28 23.94 -11.31 11.05
N ALA D 29 24.43 -12.27 10.27
CA ALA D 29 23.58 -13.07 9.39
C ALA D 29 22.65 -14.00 10.18
N VAL D 30 23.13 -14.58 11.28
CA VAL D 30 22.30 -15.37 12.19
C VAL D 30 21.20 -14.52 12.82
N ASP D 31 21.51 -13.31 13.27
CA ASP D 31 20.54 -12.34 13.80
C ASP D 31 19.52 -11.87 12.77
N LYS D 32 19.93 -11.58 11.54
CA LYS D 32 19.04 -11.19 10.44
C LYS D 32 18.13 -12.34 10.03
N MET D 33 18.61 -13.56 9.92
CA MET D 33 17.78 -14.71 9.61
C MET D 33 16.76 -14.98 10.72
N ASN D 34 17.15 -14.87 11.98
CA ASN D 34 16.26 -15.02 13.12
C ASN D 34 15.10 -14.01 13.11
N GLU D 35 15.39 -12.76 12.79
CA GLU D 35 14.41 -11.68 12.63
C GLU D 35 13.45 -11.92 11.46
N ILE D 36 13.95 -12.34 10.30
CA ILE D 36 13.15 -12.66 9.12
C ILE D 36 12.22 -13.86 9.36
N LEU D 37 12.68 -14.93 10.02
CA LEU D 37 11.82 -16.05 10.44
C LEU D 37 10.77 -15.63 11.44
N THR D 38 11.13 -14.79 12.40
CA THR D 38 10.20 -14.31 13.43
C THR D 38 9.11 -13.44 12.84
N ASP D 39 9.44 -12.48 11.97
CA ASP D 39 8.45 -11.60 11.35
C ASP D 39 7.45 -12.38 10.47
N TRP D 40 7.95 -13.36 9.71
CA TRP D 40 7.11 -14.18 8.85
C TRP D 40 6.25 -15.18 9.62
N GLY D 41 6.81 -15.82 10.64
CA GLY D 41 6.09 -16.70 11.54
C GLY D 41 4.99 -16.00 12.31
N LYS D 42 5.24 -14.78 12.81
CA LYS D 42 4.23 -13.93 13.47
C LYS D 42 3.07 -13.57 12.56
N ASN D 43 3.31 -13.29 11.28
CA ASN D 43 2.22 -13.02 10.34
C ASN D 43 1.32 -14.23 10.13
N ILE D 44 1.89 -15.42 9.95
CA ILE D 44 1.12 -16.65 9.80
C ILE D 44 0.36 -16.99 11.09
N ALA D 45 0.99 -16.90 12.25
CA ALA D 45 0.35 -17.22 13.51
C ALA D 45 -0.82 -16.29 13.82
N LYS D 46 -0.69 -14.98 13.56
CA LYS D 46 -1.78 -14.01 13.78
C LYS D 46 -2.99 -14.35 12.92
N TYR D 47 -2.78 -14.71 11.65
CA TYR D 47 -3.88 -15.08 10.78
C TYR D 47 -4.53 -16.44 11.11
N ALA D 48 -3.75 -17.43 11.55
CA ALA D 48 -4.24 -18.73 12.01
C ALA D 48 -5.12 -18.62 13.26
N VAL D 49 -4.79 -17.69 14.17
CA VAL D 49 -5.60 -17.38 15.34
C VAL D 49 -6.94 -16.79 14.94
N GLU D 50 -7.01 -15.91 13.95
CA GLU D 50 -8.29 -15.41 13.43
C GLU D 50 -9.13 -16.50 12.72
N ILE D 51 -8.51 -17.45 12.02
CA ILE D 51 -9.19 -18.61 11.44
C ILE D 51 -9.75 -19.55 12.52
N ALA D 52 -8.99 -19.82 13.57
CA ALA D 52 -9.45 -20.66 14.70
C ALA D 52 -10.74 -20.08 15.26
N ARG D 53 -10.80 -18.77 15.44
CA ARG D 53 -11.83 -18.03 16.21
C ARG D 53 -13.07 -17.81 15.34
N HIS D 54 -12.87 -17.72 14.03
CA HIS D 54 -13.93 -17.68 13.02
C HIS D 54 -14.60 -19.04 12.98
N SER D 55 -13.78 -20.07 13.06
CA SER D 55 -14.30 -21.44 13.16
C SER D 55 -15.17 -21.69 14.39
N GLY D 56 -14.93 -20.97 15.49
CA GLY D 56 -15.71 -21.03 16.73
C GLY D 56 -14.95 -21.63 17.89
N ARG D 57 -13.61 -21.61 17.82
CA ARG D 57 -12.72 -22.41 18.70
C ARG D 57 -11.71 -21.49 19.41
N LYS D 58 -11.30 -21.87 20.61
CA LYS D 58 -10.18 -21.25 21.34
C LYS D 58 -8.82 -21.82 20.94
N THR D 59 -8.78 -23.05 20.45
CA THR D 59 -7.56 -23.80 20.15
C THR D 59 -7.11 -23.60 18.72
N VAL D 60 -5.87 -23.18 18.50
CA VAL D 60 -5.21 -23.24 17.18
C VAL D 60 -4.83 -24.69 16.88
N LYS D 61 -5.25 -25.22 15.73
CA LYS D 61 -5.03 -26.59 15.27
C LYS D 61 -4.21 -26.64 13.98
N GLU D 62 -3.76 -27.82 13.58
CA GLU D 62 -2.91 -28.02 12.40
C GLU D 62 -3.51 -27.47 11.10
N ASN D 63 -4.82 -27.62 10.92
CA ASN D 63 -5.55 -27.17 9.74
C ASN D 63 -5.63 -25.64 9.64
N ASP D 64 -5.67 -24.92 10.76
CA ASP D 64 -5.67 -23.46 10.78
C ASP D 64 -4.31 -22.91 10.36
N ILE D 65 -3.22 -23.51 10.84
CA ILE D 65 -1.86 -23.16 10.42
C ILE D 65 -1.67 -23.44 8.93
N LYS D 66 -2.11 -24.61 8.46
CA LYS D 66 -2.05 -25.01 7.06
C LYS D 66 -2.83 -24.07 6.13
N LEU D 67 -4.04 -23.67 6.49
CA LEU D 67 -4.85 -22.71 5.73
C LEU D 67 -4.27 -21.28 5.76
N ALA D 68 -3.73 -20.82 6.89
CA ALA D 68 -3.10 -19.51 7.00
C ALA D 68 -1.81 -19.39 6.19
N ALA D 69 -0.99 -20.44 6.09
CA ALA D 69 0.20 -20.46 5.27
C ALA D 69 -0.09 -20.41 3.76
N GLN D 70 -1.20 -21.00 3.33
CA GLN D 70 -1.64 -20.99 1.93
C GLN D 70 -2.22 -19.64 1.44
N LYS D 71 -2.35 -18.62 2.29
CA LYS D 71 -3.04 -17.35 1.98
C LYS D 71 -2.35 -16.52 0.89
N SER E 1 -18.31 -9.25 -24.12
CA SER E 1 -17.03 -9.63 -24.72
C SER E 1 -16.14 -10.32 -23.70
N ASN E 2 -15.32 -11.29 -24.14
CA ASN E 2 -14.35 -12.03 -23.34
C ASN E 2 -14.85 -12.44 -21.94
N ALA E 3 -16.01 -13.10 -21.88
CA ALA E 3 -16.78 -13.31 -20.65
C ALA E 3 -16.05 -14.08 -19.53
N MET E 4 -15.06 -14.90 -19.87
CA MET E 4 -14.19 -15.56 -18.88
C MET E 4 -13.18 -14.58 -18.26
N ALA E 5 -12.67 -13.61 -19.04
CA ALA E 5 -11.66 -12.65 -18.61
C ALA E 5 -12.25 -11.43 -17.90
N GLY E 6 -13.37 -10.88 -18.39
CA GLY E 6 -14.13 -9.81 -17.75
C GLY E 6 -15.53 -10.29 -17.36
N ASN E 7 -15.80 -10.43 -16.06
CA ASN E 7 -17.05 -11.00 -15.55
C ASN E 7 -18.23 -10.00 -15.54
N PHE E 8 -17.95 -8.73 -15.26
CA PHE E 8 -18.91 -7.66 -15.05
C PHE E 8 -19.38 -7.03 -16.36
N ALA E 9 -20.50 -6.31 -16.34
CA ALA E 9 -20.96 -5.56 -17.49
C ALA E 9 -20.02 -4.38 -17.78
N ASN E 10 -19.74 -4.12 -19.04
CA ASN E 10 -18.83 -3.05 -19.42
C ASN E 10 -19.40 -1.66 -19.07
N ALA E 11 -20.70 -1.51 -19.09
CA ALA E 11 -21.43 -0.24 -18.84
C ALA E 11 -21.31 0.17 -17.38
N ARG E 12 -21.07 -0.78 -16.51
CA ARG E 12 -20.97 -0.60 -15.05
C ARG E 12 -19.51 -0.34 -14.68
N VAL E 13 -18.55 -0.97 -15.35
CA VAL E 13 -17.10 -0.70 -15.16
C VAL E 13 -16.76 0.69 -15.73
N GLU E 14 -17.33 1.09 -16.85
CA GLU E 14 -17.24 2.43 -17.40
C GLU E 14 -17.82 3.51 -16.46
N LYS E 15 -19.01 3.29 -15.87
CA LYS E 15 -19.60 4.18 -14.88
C LYS E 15 -18.69 4.40 -13.68
N LEU E 16 -18.05 3.36 -13.17
CA LEU E 16 -17.09 3.43 -12.08
C LEU E 16 -15.89 4.32 -12.43
N ILE E 17 -15.37 4.25 -13.66
CA ILE E 17 -14.14 5.00 -14.04
C ILE E 17 -14.50 6.49 -14.24
N ARG E 18 -15.74 6.78 -14.61
CA ARG E 18 -16.23 8.15 -14.93
C ARG E 18 -16.63 8.87 -13.64
N GLN E 19 -16.97 8.12 -12.60
CA GLN E 19 -17.29 8.65 -11.26
C GLN E 19 -15.98 8.84 -10.47
N ALA E 20 -14.94 8.07 -10.79
CA ALA E 20 -13.58 8.39 -10.34
C ALA E 20 -13.03 9.72 -10.91
N GLY E 21 -13.71 10.36 -11.85
CA GLY E 21 -13.37 11.67 -12.40
C GLY E 21 -12.98 11.71 -13.88
N ALA E 22 -13.07 10.60 -14.61
CA ALA E 22 -12.65 10.54 -16.01
C ALA E 22 -13.51 11.45 -16.92
N GLN E 23 -12.85 12.30 -17.69
CA GLN E 23 -13.48 13.16 -18.68
C GLN E 23 -13.89 12.35 -19.91
N ARG E 24 -13.06 11.39 -20.34
CA ARG E 24 -13.34 10.42 -21.41
C ARG E 24 -12.74 9.06 -21.05
N VAL E 25 -13.28 7.96 -21.55
CA VAL E 25 -12.81 6.60 -21.24
C VAL E 25 -12.70 5.73 -22.49
N SER E 26 -11.52 5.22 -22.80
CA SER E 26 -11.29 4.28 -23.89
C SER E 26 -11.92 2.90 -23.66
N ALA E 27 -12.46 2.24 -24.70
CA ALA E 27 -13.04 0.92 -24.56
C ALA E 27 -12.04 -0.14 -24.09
N ASP E 28 -10.78 -0.04 -24.49
CA ASP E 28 -9.70 -0.88 -23.98
C ASP E 28 -9.42 -0.67 -22.49
N ALA E 29 -9.58 0.54 -21.96
CA ALA E 29 -9.46 0.80 -20.53
C ALA E 29 -10.61 0.17 -19.74
N VAL E 30 -11.83 0.18 -20.27
CA VAL E 30 -12.98 -0.50 -19.68
C VAL E 30 -12.75 -2.01 -19.64
N ASP E 31 -12.24 -2.61 -20.71
CA ASP E 31 -11.88 -4.03 -20.77
C ASP E 31 -10.76 -4.42 -19.81
N LYS E 32 -9.70 -3.61 -19.70
CA LYS E 32 -8.59 -3.83 -18.77
C LYS E 32 -9.04 -3.72 -17.33
N MET E 33 -9.86 -2.73 -16.97
CA MET E 33 -10.39 -2.59 -15.63
C MET E 33 -11.30 -3.77 -15.26
N ASN E 34 -12.14 -4.23 -16.18
CA ASN E 34 -13.00 -5.39 -16.01
C ASN E 34 -12.21 -6.66 -15.70
N GLU E 35 -11.12 -6.89 -16.43
CA GLU E 35 -10.19 -8.00 -16.23
C GLU E 35 -9.46 -7.94 -14.87
N ILE E 36 -8.96 -6.78 -14.48
CA ILE E 36 -8.30 -6.55 -13.20
C ILE E 36 -9.25 -6.75 -12.01
N LEU E 37 -10.50 -6.28 -12.06
CA LEU E 37 -11.52 -6.56 -11.06
C LEU E 37 -11.89 -8.05 -10.99
N THR E 38 -11.99 -8.70 -12.14
CA THR E 38 -12.33 -10.13 -12.20
C THR E 38 -11.23 -10.99 -11.62
N ASP E 39 -9.96 -10.76 -11.96
CA ASP E 39 -8.85 -11.53 -11.43
C ASP E 39 -8.70 -11.38 -9.91
N TRP E 40 -8.88 -10.18 -9.40
CA TRP E 40 -8.79 -9.92 -7.97
C TRP E 40 -9.97 -10.45 -7.18
N GLY E 41 -11.19 -10.29 -7.71
CA GLY E 41 -12.40 -10.86 -7.14
C GLY E 41 -12.38 -12.36 -7.08
N LYS E 42 -11.90 -13.04 -8.14
CA LYS E 42 -11.70 -14.51 -8.17
C LYS E 42 -10.73 -15.00 -7.12
N ASN E 43 -9.65 -14.29 -6.84
CA ASN E 43 -8.71 -14.67 -5.78
C ASN E 43 -9.36 -14.62 -4.40
N ILE E 44 -10.10 -13.56 -4.09
CA ILE E 44 -10.80 -13.44 -2.82
C ILE E 44 -11.91 -14.50 -2.70
N ALA E 45 -12.72 -14.70 -3.72
CA ALA E 45 -13.79 -15.67 -3.69
C ALA E 45 -13.29 -17.11 -3.49
N LYS E 46 -12.20 -17.51 -4.16
CA LYS E 46 -11.59 -18.84 -4.00
C LYS E 46 -11.14 -19.07 -2.57
N TYR E 47 -10.51 -18.08 -1.94
CA TYR E 47 -10.07 -18.20 -0.55
C TYR E 47 -11.22 -18.18 0.48
N ALA E 48 -12.28 -17.40 0.25
CA ALA E 48 -13.48 -17.38 1.06
C ALA E 48 -14.25 -18.71 1.06
N VAL E 49 -14.26 -19.39 -0.07
CA VAL E 49 -14.82 -20.73 -0.20
C VAL E 49 -14.03 -21.76 0.62
N GLU E 50 -12.70 -21.68 0.66
CA GLU E 50 -11.90 -22.54 1.54
C GLU E 50 -12.11 -22.23 3.04
N ILE E 51 -12.32 -20.97 3.42
CA ILE E 51 -12.67 -20.59 4.80
C ILE E 51 -14.07 -21.11 5.20
N ALA E 52 -15.06 -21.02 4.31
CA ALA E 52 -16.41 -21.53 4.57
C ALA E 52 -16.32 -23.01 4.93
N ARG E 53 -15.53 -23.77 4.19
CA ARG E 53 -15.49 -25.26 4.18
C ARG E 53 -14.64 -25.76 5.34
N HIS E 54 -13.67 -24.97 5.75
CA HIS E 54 -12.83 -25.19 6.96
C HIS E 54 -13.72 -24.98 8.17
N SER E 55 -14.56 -23.96 8.10
CA SER E 55 -15.55 -23.73 9.15
C SER E 55 -16.54 -24.88 9.33
N GLY E 56 -16.84 -25.63 8.28
CA GLY E 56 -17.70 -26.81 8.30
C GLY E 56 -19.01 -26.62 7.53
N ARG E 57 -19.04 -25.66 6.61
CA ARG E 57 -20.28 -25.13 5.99
C ARG E 57 -20.18 -25.23 4.45
N LYS E 58 -21.34 -25.40 3.81
CA LYS E 58 -21.49 -25.30 2.35
C LYS E 58 -21.69 -23.87 1.88
N THR E 59 -22.21 -22.99 2.73
CA THR E 59 -22.61 -21.62 2.39
C THR E 59 -21.48 -20.63 2.62
N VAL E 60 -21.11 -19.85 1.61
CA VAL E 60 -20.26 -18.67 1.80
C VAL E 60 -21.09 -17.54 2.42
N LYS E 61 -20.61 -16.98 3.54
CA LYS E 61 -21.26 -15.91 4.32
C LYS E 61 -20.43 -14.64 4.36
N GLU E 62 -21.01 -13.55 4.85
CA GLU E 62 -20.37 -12.23 4.89
C GLU E 62 -19.02 -12.22 5.61
N ASN E 63 -18.91 -12.97 6.70
CA ASN E 63 -17.71 -13.07 7.53
C ASN E 63 -16.56 -13.79 6.83
N ASP E 64 -16.85 -14.76 5.96
CA ASP E 64 -15.83 -15.46 5.18
C ASP E 64 -15.24 -14.55 4.10
N ILE E 65 -16.07 -13.75 3.43
CA ILE E 65 -15.62 -12.74 2.46
C ILE E 65 -14.76 -11.70 3.17
N LYS E 66 -15.22 -11.19 4.31
CA LYS E 66 -14.51 -10.21 5.13
C LYS E 66 -13.14 -10.71 5.60
N LEU E 67 -13.04 -11.94 6.10
CA LEU E 67 -11.77 -12.55 6.51
C LEU E 67 -10.84 -12.84 5.33
N ALA E 68 -11.35 -13.29 4.18
CA ALA E 68 -10.56 -13.52 2.99
C ALA E 68 -9.97 -12.25 2.38
N ALA E 69 -10.69 -11.13 2.40
CA ALA E 69 -10.19 -9.84 1.92
C ALA E 69 -9.07 -9.27 2.81
N GLN E 70 -9.12 -9.54 4.11
CA GLN E 70 -8.08 -9.11 5.06
C GLN E 70 -6.75 -9.89 4.98
N LYS E 71 -6.63 -10.93 4.14
CA LYS E 71 -5.48 -11.83 4.10
C LYS E 71 -4.17 -11.17 3.67
N SER F 1 -29.64 -2.71 -5.10
CA SER F 1 -29.57 -2.30 -3.68
C SER F 1 -28.26 -1.57 -3.40
N ASN F 2 -28.29 -0.58 -2.50
CA ASN F 2 -27.13 0.21 -2.04
C ASN F 2 -26.17 0.64 -3.17
N ALA F 3 -26.69 1.26 -4.22
CA ALA F 3 -26.00 1.45 -5.50
C ALA F 3 -24.69 2.27 -5.41
N MET F 4 -24.53 3.12 -4.40
CA MET F 4 -23.28 3.82 -4.12
C MET F 4 -22.20 2.88 -3.52
N ALA F 5 -22.61 1.91 -2.69
CA ALA F 5 -21.72 0.99 -1.99
C ALA F 5 -21.35 -0.24 -2.83
N GLY F 6 -22.29 -0.82 -3.56
CA GLY F 6 -22.08 -1.90 -4.53
C GLY F 6 -22.42 -1.47 -5.94
N ASN F 7 -21.42 -1.30 -6.81
CA ASN F 7 -21.59 -0.75 -8.16
C ASN F 7 -22.12 -1.78 -9.19
N PHE F 8 -21.71 -3.05 -9.05
CA PHE F 8 -21.95 -4.13 -9.98
C PHE F 8 -23.31 -4.81 -9.74
N ALA F 9 -23.81 -5.55 -10.72
CA ALA F 9 -25.01 -6.34 -10.56
C ALA F 9 -24.78 -7.49 -9.58
N ASN F 10 -25.74 -7.78 -8.72
CA ASN F 10 -25.60 -8.83 -7.72
C ASN F 10 -25.52 -10.23 -8.36
N ALA F 11 -26.17 -10.42 -9.51
CA ALA F 11 -26.26 -11.70 -10.22
C ALA F 11 -24.92 -12.08 -10.82
N ARG F 12 -24.06 -11.09 -11.05
CA ARG F 12 -22.73 -11.25 -11.67
C ARG F 12 -21.70 -11.46 -10.57
N VAL F 13 -21.83 -10.81 -9.41
CA VAL F 13 -20.96 -11.04 -8.23
C VAL F 13 -21.24 -12.43 -7.63
N GLU F 14 -22.50 -12.87 -7.59
CA GLU F 14 -22.90 -14.22 -7.21
C GLU F 14 -22.32 -15.29 -8.17
N LYS F 15 -22.39 -15.09 -9.50
CA LYS F 15 -21.78 -15.99 -10.48
C LYS F 15 -20.28 -16.15 -10.26
N LEU F 16 -19.56 -15.08 -9.97
CA LEU F 16 -18.13 -15.12 -9.65
C LEU F 16 -17.84 -15.97 -8.41
N ILE F 17 -18.65 -15.91 -7.37
CA ILE F 17 -18.38 -16.63 -6.09
C ILE F 17 -18.68 -18.13 -6.28
N ARG F 18 -19.59 -18.47 -7.18
CA ARG F 18 -20.07 -19.85 -7.45
C ARG F 18 -19.12 -20.56 -8.40
N GLN F 19 -18.39 -19.80 -9.21
CA GLN F 19 -17.35 -20.32 -10.13
C GLN F 19 -16.02 -20.45 -9.38
N ALA F 20 -15.82 -19.66 -8.32
CA ALA F 20 -14.76 -19.94 -7.34
C ALA F 20 -14.95 -21.26 -6.56
N GLY F 21 -16.09 -21.93 -6.69
CA GLY F 21 -16.36 -23.24 -6.10
C GLY F 21 -17.47 -23.29 -5.05
N ALA F 22 -18.19 -22.20 -4.80
CA ALA F 22 -19.21 -22.18 -3.75
C ALA F 22 -20.39 -23.10 -4.04
N GLN F 23 -20.71 -23.96 -3.08
CA GLN F 23 -21.86 -24.86 -3.15
C GLN F 23 -23.17 -24.08 -2.91
N ARG F 24 -23.17 -23.11 -2.00
CA ARG F 24 -24.27 -22.16 -1.73
C ARG F 24 -23.70 -20.78 -1.41
N VAL F 25 -24.45 -19.71 -1.67
CA VAL F 25 -23.98 -18.32 -1.41
C VAL F 25 -25.05 -17.48 -0.73
N SER F 26 -24.76 -16.95 0.44
CA SER F 26 -25.65 -16.02 1.16
C SER F 26 -25.79 -14.65 0.47
N ALA F 27 -26.97 -14.04 0.49
CA ALA F 27 -27.18 -12.72 -0.11
C ALA F 27 -26.30 -11.63 0.52
N ASP F 28 -26.05 -11.70 1.83
CA ASP F 28 -25.10 -10.82 2.51
C ASP F 28 -23.66 -11.00 2.03
N ALA F 29 -23.24 -12.20 1.65
CA ALA F 29 -21.91 -12.42 1.08
C ALA F 29 -21.80 -11.81 -0.32
N VAL F 30 -22.86 -11.87 -1.13
CA VAL F 30 -22.92 -11.21 -2.44
C VAL F 30 -22.82 -9.69 -2.29
N ASP F 31 -23.53 -9.10 -1.33
CA ASP F 31 -23.46 -7.67 -1.01
C ASP F 31 -22.08 -7.23 -0.48
N LYS F 32 -21.45 -8.01 0.39
CA LYS F 32 -20.11 -7.74 0.91
C LYS F 32 -19.05 -7.84 -0.18
N MET F 33 -19.11 -8.84 -1.05
CA MET F 33 -18.18 -8.96 -2.17
C MET F 33 -18.34 -7.81 -3.15
N ASN F 34 -19.57 -7.39 -3.45
CA ASN F 34 -19.86 -6.25 -4.32
C ASN F 34 -19.25 -4.95 -3.78
N GLU F 35 -19.37 -4.71 -2.48
CA GLU F 35 -18.78 -3.57 -1.78
C GLU F 35 -17.25 -3.58 -1.80
N ILE F 36 -16.62 -4.72 -1.54
CA ILE F 36 -15.17 -4.91 -1.58
C ILE F 36 -14.60 -4.70 -2.99
N LEU F 37 -15.24 -5.21 -4.04
CA LEU F 37 -14.87 -4.94 -5.43
C LEU F 37 -15.02 -3.46 -5.80
N THR F 38 -16.09 -2.84 -5.35
CA THR F 38 -16.36 -1.43 -5.64
C THR F 38 -15.34 -0.52 -4.97
N ASP F 39 -15.03 -0.73 -3.69
CA ASP F 39 -14.05 0.09 -2.98
C ASP F 39 -12.64 -0.02 -3.59
N TRP F 40 -12.24 -1.22 -3.98
CA TRP F 40 -10.93 -1.46 -4.59
C TRP F 40 -10.84 -0.95 -6.02
N GLY F 41 -11.88 -1.15 -6.83
CA GLY F 41 -11.99 -0.60 -8.17
C GLY F 41 -11.97 0.91 -8.19
N LYS F 42 -12.68 1.59 -7.27
CA LYS F 42 -12.66 3.05 -7.11
C LYS F 42 -11.28 3.59 -6.77
N ASN F 43 -10.49 2.91 -5.95
CA ASN F 43 -9.13 3.34 -5.64
C ASN F 43 -8.24 3.30 -6.88
N ILE F 44 -8.29 2.22 -7.67
CA ILE F 44 -7.51 2.11 -8.89
C ILE F 44 -7.97 3.13 -9.93
N ALA F 45 -9.27 3.30 -10.15
CA ALA F 45 -9.78 4.24 -11.13
C ALA F 45 -9.41 5.69 -10.79
N LYS F 46 -9.48 6.11 -9.53
CA LYS F 46 -9.09 7.46 -9.11
C LYS F 46 -7.63 7.73 -9.40
N TYR F 47 -6.75 6.77 -9.14
CA TYR F 47 -5.32 6.93 -9.43
C TYR F 47 -4.98 6.90 -10.94
N ALA F 48 -5.67 6.09 -11.74
CA ALA F 48 -5.53 6.04 -13.19
C ALA F 48 -5.94 7.35 -13.86
N VAL F 49 -6.97 8.01 -13.34
CA VAL F 49 -7.39 9.34 -13.79
C VAL F 49 -6.32 10.39 -13.52
N GLU F 50 -5.64 10.35 -12.37
CA GLU F 50 -4.50 11.25 -12.11
C GLU F 50 -3.29 10.97 -13.01
N ILE F 51 -3.01 9.71 -13.36
CA ILE F 51 -1.98 9.34 -14.34
C ILE F 51 -2.32 9.83 -15.75
N ALA F 52 -3.56 9.69 -16.19
CA ALA F 52 -4.01 10.19 -17.51
C ALA F 52 -3.71 11.67 -17.63
N ARG F 53 -3.98 12.44 -16.59
CA ARG F 53 -4.02 13.91 -16.57
C ARG F 53 -2.62 14.48 -16.39
N HIS F 54 -1.75 13.72 -15.73
CA HIS F 54 -0.30 13.98 -15.59
C HIS F 54 0.34 13.78 -16.95
N SER F 55 -0.11 12.73 -17.63
CA SER F 55 0.34 12.49 -19.01
C SER F 55 -0.01 13.61 -19.99
N GLY F 56 -1.11 14.34 -19.74
CA GLY F 56 -1.54 15.49 -20.53
C GLY F 56 -2.83 15.25 -21.29
N ARG F 57 -3.61 14.27 -20.85
CA ARG F 57 -4.74 13.69 -21.62
C ARG F 57 -6.04 13.76 -20.81
N LYS F 58 -7.17 13.89 -21.51
CA LYS F 58 -8.52 13.76 -20.94
C LYS F 58 -8.99 12.31 -20.86
N THR F 59 -8.47 11.44 -21.71
CA THR F 59 -8.92 10.05 -21.88
C THR F 59 -8.14 9.10 -20.99
N VAL F 60 -8.81 8.31 -20.16
CA VAL F 60 -8.21 7.15 -19.48
C VAL F 60 -8.02 6.02 -20.50
N LYS F 61 -6.80 5.48 -20.61
CA LYS F 61 -6.40 4.43 -21.54
C LYS F 61 -5.93 3.17 -20.82
N GLU F 62 -5.74 2.07 -21.54
CA GLU F 62 -5.36 0.77 -20.97
C GLU F 62 -4.07 0.82 -20.14
N ASN F 63 -3.08 1.59 -20.59
CA ASN F 63 -1.78 1.73 -19.94
C ASN F 63 -1.86 2.48 -18.61
N ASP F 64 -2.79 3.42 -18.45
CA ASP F 64 -3.02 4.14 -17.20
C ASP F 64 -3.64 3.23 -16.15
N ILE F 65 -4.61 2.40 -16.53
CA ILE F 65 -5.20 1.38 -15.66
C ILE F 65 -4.14 0.37 -15.23
N LYS F 66 -3.34 -0.12 -16.17
CA LYS F 66 -2.25 -1.07 -15.94
C LYS F 66 -1.18 -0.53 -14.98
N LEU F 67 -0.75 0.72 -15.15
CA LEU F 67 0.20 1.38 -14.24
C LEU F 67 -0.39 1.67 -12.86
N ALA F 68 -1.65 2.09 -12.76
CA ALA F 68 -2.32 2.31 -11.49
C ALA F 68 -2.54 1.05 -10.67
N ALA F 69 -2.82 -0.09 -11.28
CA ALA F 69 -2.96 -1.37 -10.60
C ALA F 69 -1.62 -1.90 -10.04
N GLN F 70 -0.51 -1.61 -10.71
CA GLN F 70 0.83 -1.98 -10.26
C GLN F 70 1.38 -1.17 -9.07
N LYS F 71 0.67 -0.15 -8.58
CA LYS F 71 1.17 0.79 -7.56
C LYS F 71 1.44 0.15 -6.20
N SER G 1 29.50 2.30 5.58
CA SER G 1 29.18 0.88 5.89
C SER G 1 27.93 0.44 5.14
N ASN G 2 27.88 -0.83 4.73
CA ASN G 2 26.75 -1.48 4.05
C ASN G 2 26.09 -0.61 2.97
N ALA G 3 26.87 -0.08 2.02
CA ALA G 3 26.46 0.99 1.11
C ALA G 3 25.27 0.67 0.21
N MET G 4 24.99 -0.60 -0.06
CA MET G 4 23.79 -1.03 -0.78
C MET G 4 22.53 -0.96 0.12
N ALA G 5 22.66 -1.24 1.41
CA ALA G 5 21.55 -1.26 2.37
C ALA G 5 21.22 0.12 2.95
N GLY G 6 22.23 0.92 3.29
CA GLY G 6 22.09 2.32 3.72
C GLY G 6 22.75 3.27 2.73
N ASN G 7 21.99 4.05 1.99
CA ASN G 7 22.47 4.92 0.92
C ASN G 7 23.08 6.25 1.41
N PHE G 8 22.53 6.81 2.49
CA PHE G 8 22.82 8.12 3.02
C PHE G 8 24.02 8.10 3.97
N ALA G 9 24.63 9.24 4.24
CA ALA G 9 25.70 9.36 5.23
C ALA G 9 25.15 9.12 6.64
N ASN G 10 25.88 8.41 7.49
CA ASN G 10 25.43 8.10 8.83
C ASN G 10 25.34 9.35 9.70
N ALA G 11 26.17 10.35 9.45
CA ALA G 11 26.27 11.59 10.23
C ALA G 11 25.05 12.47 10.03
N ARG G 12 24.37 12.27 8.90
CA ARG G 12 23.17 13.04 8.48
C ARG G 12 21.92 12.32 9.00
N VAL G 13 21.90 11.00 9.01
CA VAL G 13 20.78 10.20 9.60
C VAL G 13 20.80 10.35 11.13
N GLU G 14 21.97 10.38 11.77
CA GLU G 14 22.13 10.69 13.19
C GLU G 14 21.65 12.11 13.55
N LYS G 15 21.99 13.14 12.76
CA LYS G 15 21.51 14.51 12.94
C LYS G 15 19.98 14.59 12.90
N LEU G 16 19.34 13.88 11.99
CA LEU G 16 17.88 13.79 11.90
C LEU G 16 17.25 13.20 13.16
N ILE G 17 17.85 12.17 13.76
CA ILE G 17 17.25 11.47 14.94
C ILE G 17 17.42 12.35 16.19
N ARG G 18 18.46 13.19 16.23
CA ARG G 18 18.82 14.04 17.38
C ARG G 18 18.01 15.33 17.35
N GLN G 19 17.55 15.74 16.18
CA GLN G 19 16.67 16.91 16.00
C GLN G 19 15.21 16.49 16.21
N ALA G 20 14.89 15.21 15.99
CA ALA G 20 13.63 14.64 16.49
C ALA G 20 13.51 14.60 18.03
N GLY G 21 14.58 14.90 18.77
CA GLY G 21 14.59 15.03 20.22
C GLY G 21 15.46 14.02 20.98
N ALA G 22 16.22 13.17 20.31
CA ALA G 22 17.01 12.13 20.96
C ALA G 22 18.11 12.71 21.85
N GLN G 23 18.15 12.27 23.11
CA GLN G 23 19.19 12.63 24.07
C GLN G 23 20.50 11.90 23.75
N ARG G 24 20.41 10.62 23.36
CA ARG G 24 21.54 9.80 22.88
C ARG G 24 21.07 8.89 21.73
N VAL G 25 21.95 8.49 20.83
CA VAL G 25 21.60 7.64 19.68
C VAL G 25 22.59 6.50 19.47
N SER G 26 22.14 5.26 19.51
CA SER G 26 22.94 4.07 19.23
C SER G 26 23.37 3.95 17.76
N ALA G 27 24.58 3.49 17.46
CA ALA G 27 25.05 3.32 16.09
C ALA G 27 24.18 2.34 15.28
N ASP G 28 23.67 1.28 15.91
CA ASP G 28 22.70 0.37 15.30
C ASP G 28 21.37 1.05 14.95
N ALA G 29 20.90 2.03 15.72
CA ALA G 29 19.72 2.80 15.39
C ALA G 29 19.95 3.71 14.18
N VAL G 30 21.13 4.29 14.05
CA VAL G 30 21.52 5.09 12.87
C VAL G 30 21.56 4.20 11.61
N ASP G 31 22.12 2.99 11.70
CA ASP G 31 22.13 2.02 10.61
C ASP G 31 20.74 1.52 10.22
N LYS G 32 19.86 1.23 11.18
CA LYS G 32 18.48 0.81 10.94
C LYS G 32 17.66 1.93 10.30
N MET G 33 17.78 3.16 10.77
CA MET G 33 17.08 4.30 10.17
C MET G 33 17.56 4.55 8.74
N ASN G 34 18.86 4.44 8.47
CA ASN G 34 19.43 4.58 7.14
C ASN G 34 18.88 3.55 6.15
N GLU G 35 18.76 2.30 6.58
CA GLU G 35 18.16 1.20 5.83
C GLU G 35 16.67 1.40 5.53
N ILE G 36 15.89 1.83 6.52
CA ILE G 36 14.46 2.13 6.39
C ILE G 36 14.21 3.31 5.44
N LEU G 37 14.98 4.39 5.50
CA LEU G 37 14.94 5.48 4.53
C LEU G 37 15.32 5.05 3.11
N THR G 38 16.34 4.22 2.99
CA THR G 38 16.80 3.73 1.70
C THR G 38 15.78 2.82 1.04
N ASP G 39 15.18 1.87 1.76
CA ASP G 39 14.17 0.97 1.21
C ASP G 39 12.92 1.71 0.75
N TRP G 40 12.47 2.70 1.52
CA TRP G 40 11.30 3.50 1.19
C TRP G 40 11.55 4.48 0.05
N GLY G 41 12.70 5.14 0.04
CA GLY G 41 13.13 6.01 -1.04
C GLY G 41 13.28 5.28 -2.37
N LYS G 42 13.86 4.06 -2.37
CA LYS G 42 13.97 3.20 -3.56
C LYS G 42 12.61 2.80 -4.12
N ASN G 43 11.61 2.53 -3.30
CA ASN G 43 10.27 2.22 -3.79
C ASN G 43 9.63 3.42 -4.50
N ILE G 44 9.73 4.61 -3.94
CA ILE G 44 9.21 5.82 -4.57
C ILE G 44 9.96 6.14 -5.86
N ALA G 45 11.29 6.08 -5.86
CA ALA G 45 12.09 6.40 -7.03
C ALA G 45 11.80 5.43 -8.19
N LYS G 46 11.67 4.13 -7.94
CA LYS G 46 11.35 3.14 -8.97
C LYS G 46 10.01 3.43 -9.62
N TYR G 47 9.00 3.79 -8.84
CA TYR G 47 7.68 4.12 -9.39
C TYR G 47 7.65 5.48 -10.13
N ALA G 48 8.39 6.50 -9.69
CA ALA G 48 8.55 7.77 -10.37
C ALA G 48 9.22 7.65 -11.74
N VAL G 49 10.18 6.75 -11.86
CA VAL G 49 10.82 6.42 -13.13
C VAL G 49 9.84 5.78 -14.11
N GLU G 50 8.94 4.90 -13.67
CA GLU G 50 7.88 4.37 -14.53
C GLU G 50 6.86 5.44 -14.95
N ILE G 51 6.51 6.39 -14.08
CA ILE G 51 5.66 7.54 -14.43
C ILE G 51 6.33 8.47 -15.45
N ALA G 52 7.61 8.76 -15.31
CA ALA G 52 8.36 9.59 -16.27
C ALA G 52 8.24 8.98 -17.65
N ARG G 53 8.39 7.67 -17.78
CA ARG G 53 8.58 6.92 -19.03
C ARG G 53 7.23 6.66 -19.69
N HIS G 54 6.18 6.57 -18.89
CA HIS G 54 4.77 6.50 -19.32
C HIS G 54 4.40 7.84 -19.91
N SER G 55 4.84 8.90 -19.25
CA SER G 55 4.66 10.25 -19.79
C SER G 55 5.32 10.48 -21.14
N GLY G 56 6.41 9.79 -21.45
CA GLY G 56 7.11 9.83 -22.73
C GLY G 56 8.50 10.45 -22.64
N ARG G 57 9.07 10.47 -21.43
CA ARG G 57 10.27 11.28 -21.10
C ARG G 57 11.38 10.38 -20.52
N LYS G 58 12.63 10.79 -20.75
CA LYS G 58 13.81 10.20 -20.11
C LYS G 58 14.11 10.80 -18.73
N THR G 59 13.67 12.04 -18.49
CA THR G 59 13.99 12.81 -17.28
C THR G 59 12.95 12.61 -16.19
N VAL G 60 13.37 12.22 -15.00
CA VAL G 60 12.53 12.30 -13.80
C VAL G 60 12.42 13.75 -13.35
N LYS G 61 11.20 14.27 -13.17
CA LYS G 61 10.88 15.64 -12.78
C LYS G 61 10.15 15.70 -11.44
N GLU G 62 9.99 16.90 -10.87
CA GLU G 62 9.37 17.11 -9.56
C GLU G 62 7.96 16.52 -9.46
N ASN G 63 7.16 16.64 -10.52
CA ASN G 63 5.78 16.17 -10.58
C ASN G 63 5.67 14.65 -10.58
N ASP G 64 6.65 13.93 -11.13
CA ASP G 64 6.69 12.46 -11.11
C ASP G 64 6.99 11.95 -9.71
N ILE G 65 7.92 12.58 -8.99
CA ILE G 65 8.22 12.26 -7.59
C ILE G 65 6.99 12.53 -6.72
N LYS G 66 6.35 13.68 -6.93
CA LYS G 66 5.14 14.08 -6.15
C LYS G 66 4.00 13.06 -6.38
N LEU G 67 3.72 12.70 -7.63
CA LEU G 67 2.68 11.71 -7.95
C LEU G 67 3.01 10.30 -7.43
N ALA G 68 4.26 9.86 -7.50
CA ALA G 68 4.68 8.57 -6.96
C ALA G 68 4.59 8.47 -5.45
N ALA G 69 4.88 9.54 -4.71
CA ALA G 69 4.74 9.57 -3.26
C ALA G 69 3.27 9.52 -2.79
N GLN G 70 2.35 10.09 -3.57
CA GLN G 70 0.91 10.05 -3.29
C GLN G 70 0.24 8.69 -3.53
N LYS G 71 0.93 7.67 -4.03
CA LYS G 71 0.35 6.38 -4.45
C LYS G 71 -0.27 5.57 -3.31
N SER H 1 21.32 23.32 -0.01
CA SER H 1 20.14 24.18 -0.20
C SER H 1 19.00 23.73 0.70
N ASN H 2 18.19 24.68 1.18
CA ASN H 2 17.00 24.46 2.02
C ASN H 2 17.19 23.42 3.13
N ALA H 3 18.24 23.57 3.94
CA ALA H 3 18.74 22.52 4.84
C ALA H 3 17.73 22.02 5.90
N MET H 4 16.74 22.82 6.26
CA MET H 4 15.63 22.40 7.13
C MET H 4 14.64 21.49 6.39
N ALA H 5 14.40 21.74 5.10
CA ALA H 5 13.43 21.00 4.29
C ALA H 5 14.02 19.71 3.68
N GLY H 6 15.24 19.74 3.19
CA GLY H 6 16.00 18.58 2.71
C GLY H 6 17.23 18.32 3.56
N ASN H 7 17.25 17.26 4.35
CA ASN H 7 18.30 16.95 5.32
C ASN H 7 19.57 16.32 4.69
N PHE H 8 19.38 15.49 3.67
CA PHE H 8 20.40 14.66 3.04
C PHE H 8 21.17 15.42 1.96
N ALA H 9 22.33 14.94 1.57
CA ALA H 9 23.09 15.50 0.45
C ALA H 9 22.36 15.27 -0.86
N ASN H 10 22.34 16.25 -1.75
CA ASN H 10 21.64 16.14 -3.03
C ASN H 10 22.28 15.09 -3.94
N ALA H 11 23.59 14.89 -3.84
CA ALA H 11 24.37 13.97 -4.68
C ALA H 11 24.04 12.51 -4.37
N ARG H 12 23.53 12.27 -3.17
CA ARG H 12 23.19 10.93 -2.65
C ARG H 12 21.72 10.65 -2.98
N VAL H 13 20.84 11.63 -2.93
CA VAL H 13 19.42 11.50 -3.35
C VAL H 13 19.35 11.32 -4.87
N GLU H 14 20.16 12.04 -5.64
CA GLU H 14 20.32 11.85 -7.08
C GLU H 14 20.83 10.45 -7.45
N LYS H 15 21.86 9.93 -6.75
CA LYS H 15 22.35 8.55 -6.95
C LYS H 15 21.26 7.51 -6.73
N LEU H 16 20.43 7.66 -5.72
CA LEU H 16 19.29 6.79 -5.45
C LEU H 16 18.28 6.78 -6.61
N ILE H 17 17.99 7.92 -7.22
CA ILE H 17 16.95 8.01 -8.28
C ILE H 17 17.50 7.42 -9.58
N ARG H 18 18.81 7.45 -9.78
CA ARG H 18 19.50 6.99 -11.01
C ARG H 18 19.74 5.49 -10.95
N GLN H 19 19.78 4.92 -9.75
CA GLN H 19 19.91 3.47 -9.51
C GLN H 19 18.52 2.84 -9.54
N ALA H 20 17.47 3.60 -9.23
CA ALA H 20 16.10 3.20 -9.55
C ALA H 20 15.80 3.09 -11.06
N GLY H 21 16.72 3.52 -11.93
CA GLY H 21 16.63 3.38 -13.38
C GLY H 21 16.53 4.66 -14.18
N ALA H 22 16.64 5.84 -13.57
CA ALA H 22 16.48 7.11 -14.27
C ALA H 22 17.58 7.36 -15.30
N GLN H 23 17.17 7.67 -16.53
CA GLN H 23 18.08 8.02 -17.62
C GLN H 23 18.61 9.45 -17.42
N ARG H 24 17.77 10.38 -16.96
CA ARG H 24 18.13 11.76 -16.58
C ARG H 24 17.33 12.18 -15.35
N VAL H 25 17.84 13.10 -14.53
CA VAL H 25 17.17 13.56 -13.31
C VAL H 25 17.19 15.08 -13.18
N SER H 26 16.05 15.73 -13.10
CA SER H 26 15.92 17.17 -12.86
C SER H 26 16.35 17.59 -11.45
N ALA H 27 16.98 18.74 -11.27
CA ALA H 27 17.40 19.22 -9.95
C ALA H 27 16.21 19.44 -9.00
N ASP H 28 15.06 19.88 -9.52
CA ASP H 28 13.81 19.98 -8.76
C ASP H 28 13.30 18.61 -8.29
N ALA H 29 13.48 17.53 -9.05
CA ALA H 29 13.12 16.19 -8.61
C ALA H 29 14.03 15.70 -7.48
N VAL H 30 15.32 16.03 -7.52
CA VAL H 30 16.26 15.73 -6.43
C VAL H 30 15.87 16.47 -5.14
N ASP H 31 15.50 17.75 -5.24
CA ASP H 31 15.01 18.54 -4.12
C ASP H 31 13.68 18.04 -3.54
N LYS H 32 12.72 17.65 -4.38
CA LYS H 32 11.44 17.08 -3.97
C LYS H 32 11.63 15.73 -3.28
N MET H 33 12.46 14.84 -3.82
CA MET H 33 12.74 13.56 -3.20
C MET H 33 13.44 13.74 -1.84
N ASN H 34 14.38 14.66 -1.73
CA ASN H 34 15.07 14.99 -0.48
C ASN H 34 14.08 15.45 0.61
N GLU H 35 13.13 16.31 0.25
CA GLU H 35 12.07 16.78 1.13
C GLU H 35 11.11 15.68 1.59
N ILE H 36 10.68 14.81 0.67
CA ILE H 36 9.83 13.66 0.96
C ILE H 36 10.51 12.63 1.89
N LEU H 37 11.79 12.32 1.69
CA LEU H 37 12.57 11.48 2.60
C LEU H 37 12.74 12.12 3.97
N THR H 38 12.98 13.43 4.02
CA THR H 38 13.17 14.15 5.27
C THR H 38 11.90 14.20 6.08
N ASP H 39 10.75 14.51 5.49
CA ASP H 39 9.47 14.56 6.20
C ASP H 39 9.07 13.19 6.76
N TRP H 40 9.27 12.13 5.99
CA TRP H 40 8.95 10.77 6.43
C TRP H 40 9.91 10.24 7.49
N GLY H 41 11.21 10.48 7.32
CA GLY H 41 12.22 10.15 8.32
C GLY H 41 12.02 10.85 9.63
N LYS H 42 11.68 12.15 9.63
CA LYS H 42 11.33 12.93 10.83
C LYS H 42 10.13 12.38 11.58
N ASN H 43 9.10 11.89 10.89
CA ASN H 43 7.94 11.28 11.55
C ASN H 43 8.33 9.99 12.28
N ILE H 44 9.11 9.12 11.64
CA ILE H 44 9.57 7.88 12.28
C ILE H 44 10.50 8.19 13.46
N ALA H 45 11.47 9.10 13.30
CA ALA H 45 12.41 9.42 14.35
C ALA H 45 11.71 10.02 15.58
N LYS H 46 10.73 10.91 15.41
CA LYS H 46 9.97 11.50 16.52
C LYS H 46 9.23 10.43 17.30
N TYR H 47 8.61 9.47 16.64
CA TYR H 47 7.91 8.38 17.32
C TYR H 47 8.85 7.36 18.00
N ALA H 48 10.00 7.06 17.42
CA ALA H 48 11.03 6.21 18.01
C ALA H 48 11.63 6.80 19.29
N VAL H 49 11.77 8.11 19.35
CA VAL H 49 12.20 8.83 20.55
C VAL H 49 11.16 8.72 21.67
N GLU H 50 9.87 8.79 21.37
CA GLU H 50 8.83 8.53 22.38
C GLU H 50 8.79 7.08 22.86
N ILE H 51 9.06 6.09 22.00
CA ILE H 51 9.20 4.68 22.40
C ILE H 51 10.43 4.45 23.28
N ALA H 52 11.56 5.05 22.98
CA ALA H 52 12.78 4.95 23.80
C ALA H 52 12.46 5.39 25.22
N ARG H 53 11.74 6.48 25.38
CA ARG H 53 11.55 7.23 26.64
C ARG H 53 10.44 6.58 27.47
N HIS H 54 9.49 5.93 26.80
CA HIS H 54 8.44 5.09 27.40
C HIS H 54 9.10 3.86 27.98
N SER H 55 10.05 3.32 27.21
CA SER H 55 10.84 2.19 27.70
C SER H 55 11.65 2.50 28.96
N GLY H 56 12.06 3.75 29.17
CA GLY H 56 12.77 4.22 30.36
C GLY H 56 14.20 4.64 30.07
N ARG H 57 14.51 4.96 28.80
CA ARG H 57 15.89 5.10 28.29
C ARG H 57 16.07 6.47 27.63
N LYS H 58 17.30 6.99 27.69
CA LYS H 58 17.74 8.19 26.95
C LYS H 58 18.18 7.86 25.51
N THR H 59 18.63 6.63 25.27
CA THR H 59 19.23 6.20 24.00
C THR H 59 18.18 5.63 23.06
N VAL H 60 18.10 6.15 21.84
CA VAL H 60 17.37 5.50 20.74
C VAL H 60 18.18 4.30 20.23
N LYS H 61 17.58 3.12 20.18
CA LYS H 61 18.18 1.84 19.76
C LYS H 61 17.51 1.27 18.51
N GLU H 62 18.10 0.24 17.92
CA GLU H 62 17.61 -0.38 16.68
C GLU H 62 16.16 -0.86 16.77
N ASN H 63 15.77 -1.42 17.91
CA ASN H 63 14.43 -1.96 18.16
C ASN H 63 13.36 -0.87 18.23
N ASP H 64 13.69 0.33 18.71
CA ASP H 64 12.78 1.47 18.75
C ASP H 64 12.49 2.00 17.35
N ILE H 65 13.51 2.10 16.49
CA ILE H 65 13.37 2.48 15.09
C ILE H 65 12.52 1.44 14.36
N LYS H 66 12.81 0.15 14.56
CA LYS H 66 12.08 -0.96 13.96
C LYS H 66 10.59 -0.98 14.36
N LEU H 67 10.27 -0.78 15.63
CA LEU H 67 8.89 -0.69 16.11
C LEU H 67 8.16 0.57 15.63
N ALA H 68 8.82 1.73 15.57
CA ALA H 68 8.24 2.96 15.05
C ALA H 68 7.93 2.91 13.56
N ALA H 69 8.75 2.25 12.74
CA ALA H 69 8.49 2.08 11.32
C ALA H 69 7.30 1.16 11.03
N GLN H 70 7.06 0.16 11.89
CA GLN H 70 5.93 -0.76 11.78
C GLN H 70 4.56 -0.16 12.16
N LYS H 71 4.48 1.09 12.63
CA LYS H 71 3.26 1.70 13.17
C LYS H 71 2.14 1.89 12.15
N SER I 1 -24.86 -11.08 17.65
CA SER I 1 -24.70 -11.38 16.23
C SER I 1 -23.27 -11.08 15.77
N ASN I 2 -22.76 -11.87 14.81
CA ASN I 2 -21.44 -11.72 14.20
C ASN I 2 -20.31 -11.36 15.19
N ALA I 3 -20.16 -12.15 16.27
CA ALA I 3 -19.36 -11.79 17.43
C ALA I 3 -17.86 -11.54 17.17
N MET I 4 -17.31 -12.10 16.10
CA MET I 4 -15.94 -11.81 15.65
C MET I 4 -15.84 -10.43 14.98
N ALA I 5 -16.87 -10.01 14.25
CA ALA I 5 -16.90 -8.75 13.51
C ALA I 5 -17.33 -7.54 14.37
N GLY I 6 -18.33 -7.70 15.23
CA GLY I 6 -18.77 -6.71 16.21
C GLY I 6 -18.57 -7.22 17.63
N ASN I 7 -17.62 -6.66 18.38
CA ASN I 7 -17.23 -7.13 19.71
C ASN I 7 -18.18 -6.67 20.83
N PHE I 8 -18.72 -5.46 20.71
CA PHE I 8 -19.51 -4.77 21.73
C PHE I 8 -20.98 -5.17 21.68
N ALA I 9 -21.73 -4.90 22.74
CA ALA I 9 -23.17 -5.11 22.76
C ALA I 9 -23.86 -4.12 21.82
N ASN I 10 -24.87 -4.56 21.07
CA ASN I 10 -25.57 -3.71 20.12
C ASN I 10 -26.36 -2.60 20.82
N ALA I 11 -26.83 -2.84 22.05
CA ALA I 11 -27.67 -1.91 22.83
C ALA I 11 -26.84 -0.72 23.30
N ARG I 12 -25.53 -0.89 23.38
CA ARG I 12 -24.57 0.13 23.85
C ARG I 12 -24.07 0.93 22.65
N VAL I 13 -23.88 0.32 21.49
CA VAL I 13 -23.52 1.01 20.24
C VAL I 13 -24.71 1.85 19.74
N GLU I 14 -25.95 1.35 19.86
CA GLU I 14 -27.18 2.09 19.60
C GLU I 14 -27.34 3.31 20.54
N LYS I 15 -27.10 3.16 21.86
CA LYS I 15 -27.12 4.27 22.81
C LYS I 15 -26.14 5.38 22.44
N LEU I 16 -24.94 5.03 22.00
CA LEU I 16 -23.93 5.99 21.53
C LEU I 16 -24.42 6.79 20.32
N ILE I 17 -25.11 6.17 19.37
CA ILE I 17 -25.53 6.85 18.11
C ILE I 17 -26.72 7.77 18.41
N ARG I 18 -27.52 7.46 19.42
CA ARG I 18 -28.74 8.19 19.80
C ARG I 18 -28.39 9.39 20.68
N GLN I 19 -27.26 9.33 21.37
CA GLN I 19 -26.72 10.43 22.19
C GLN I 19 -25.91 11.37 21.30
N ALA I 20 -25.36 10.88 20.20
CA ALA I 20 -24.87 11.76 19.12
C ALA I 20 -25.97 12.59 18.43
N GLY I 21 -27.25 12.35 18.72
CA GLY I 21 -28.38 13.14 18.24
C GLY I 21 -29.36 12.42 17.32
N ALA I 22 -29.21 11.11 17.09
CA ALA I 22 -30.07 10.37 16.16
C ALA I 22 -31.53 10.32 16.63
N GLN I 23 -32.45 10.70 15.76
CA GLN I 23 -33.88 10.62 15.99
C GLN I 23 -34.36 9.17 15.87
N ARG I 24 -33.83 8.41 14.92
CA ARG I 24 -34.06 6.97 14.71
C ARG I 24 -32.77 6.28 14.26
N VAL I 25 -32.58 5.01 14.55
CA VAL I 25 -31.36 4.27 14.17
C VAL I 25 -31.67 2.90 13.57
N SER I 26 -31.25 2.64 12.34
CA SER I 26 -31.37 1.34 11.69
C SER I 26 -30.50 0.24 12.31
N ALA I 27 -30.98 -1.00 12.40
CA ALA I 27 -30.20 -2.11 12.95
C ALA I 27 -28.90 -2.37 12.17
N ASP I 28 -28.91 -2.19 10.84
CA ASP I 28 -27.71 -2.26 10.02
C ASP I 28 -26.69 -1.16 10.34
N ALA I 29 -27.14 0.05 10.73
CA ALA I 29 -26.23 1.10 11.17
C ALA I 29 -25.58 0.76 12.52
N VAL I 30 -26.31 0.14 13.44
CA VAL I 30 -25.77 -0.35 14.71
C VAL I 30 -24.71 -1.44 14.47
N ASP I 31 -24.96 -2.37 13.57
CA ASP I 31 -24.00 -3.41 13.17
C ASP I 31 -22.75 -2.87 12.48
N LYS I 32 -22.90 -1.89 11.57
CA LYS I 32 -21.78 -1.22 10.90
C LYS I 32 -20.93 -0.42 11.88
N MET I 33 -21.54 0.33 12.79
CA MET I 33 -20.79 1.08 13.80
C MET I 33 -20.04 0.13 14.74
N ASN I 34 -20.64 -0.98 15.15
CA ASN I 34 -20.01 -1.99 15.99
C ASN I 34 -18.76 -2.60 15.32
N GLU I 35 -18.84 -2.89 14.03
CA GLU I 35 -17.74 -3.39 13.22
C GLU I 35 -16.59 -2.36 13.06
N ILE I 36 -16.92 -1.10 12.79
CA ILE I 36 -15.96 -0.01 12.68
C ILE I 36 -15.24 0.26 14.00
N LEU I 37 -15.92 0.26 15.14
CA LEU I 37 -15.30 0.36 16.46
C LEU I 37 -14.40 -0.84 16.78
N THR I 38 -14.84 -2.04 16.41
CA THR I 38 -14.07 -3.26 16.66
C THR I 38 -12.80 -3.30 15.83
N ASP I 39 -12.85 -2.97 14.54
CA ASP I 39 -11.66 -2.97 13.68
C ASP I 39 -10.62 -1.94 14.14
N TRP I 40 -11.07 -0.76 14.54
CA TRP I 40 -10.18 0.30 15.02
C TRP I 40 -9.61 0.03 16.41
N GLY I 41 -10.42 -0.48 17.32
CA GLY I 41 -9.98 -0.91 18.63
C GLY I 41 -8.97 -2.03 18.59
N LYS I 42 -9.16 -3.04 17.72
CA LYS I 42 -8.21 -4.14 17.48
C LYS I 42 -6.86 -3.65 16.97
N ASN I 43 -6.82 -2.65 16.09
CA ASN I 43 -5.55 -2.08 15.62
C ASN I 43 -4.77 -1.42 16.76
N ILE I 44 -5.44 -0.62 17.59
CA ILE I 44 -4.79 0.02 18.73
C ILE I 44 -4.33 -1.02 19.75
N ALA I 45 -5.16 -1.99 20.11
CA ALA I 45 -4.81 -3.00 21.09
C ALA I 45 -3.62 -3.85 20.64
N LYS I 46 -3.54 -4.26 19.37
CA LYS I 46 -2.41 -5.03 18.85
C LYS I 46 -1.11 -4.25 18.95
N TYR I 47 -1.12 -2.95 18.65
CA TYR I 47 0.09 -2.14 18.77
C TYR I 47 0.48 -1.83 20.23
N ALA I 48 -0.46 -1.64 21.14
CA ALA I 48 -0.22 -1.48 22.57
C ALA I 48 0.41 -2.70 23.22
N VAL I 49 0.02 -3.90 22.78
CA VAL I 49 0.63 -5.15 23.21
C VAL I 49 2.09 -5.25 22.76
N GLU I 50 2.45 -4.81 21.55
CA GLU I 50 3.85 -4.74 21.12
C GLU I 50 4.66 -3.71 21.90
N ILE I 51 4.09 -2.56 22.27
CA ILE I 51 4.73 -1.57 23.15
C ILE I 51 4.96 -2.11 24.57
N ALA I 52 4.00 -2.82 25.15
CA ALA I 52 4.14 -3.43 26.48
C ALA I 52 5.36 -4.34 26.49
N ARG I 53 5.54 -5.14 25.44
CA ARG I 53 6.48 -6.27 25.36
C ARG I 53 7.88 -5.78 25.00
N HIS I 54 7.94 -4.66 24.27
CA HIS I 54 9.17 -3.92 23.97
C HIS I 54 9.67 -3.29 25.26
N SER I 55 8.74 -2.77 26.04
CA SER I 55 9.07 -2.24 27.36
C SER I 55 9.66 -3.29 28.32
N GLY I 56 9.30 -4.56 28.16
CA GLY I 56 9.83 -5.68 28.93
C GLY I 56 8.79 -6.32 29.84
N ARG I 57 7.51 -6.12 29.55
CA ARG I 57 6.38 -6.41 30.47
C ARG I 57 5.37 -7.35 29.80
N LYS I 58 4.69 -8.16 30.62
CA LYS I 58 3.54 -8.97 30.20
C LYS I 58 2.23 -8.20 30.25
N THR I 59 2.14 -7.16 31.09
CA THR I 59 0.91 -6.41 31.36
C THR I 59 0.76 -5.21 30.44
N VAL I 60 -0.35 -5.10 29.74
CA VAL I 60 -0.75 -3.86 29.06
C VAL I 60 -1.24 -2.84 30.10
N LYS I 61 -0.67 -1.64 30.11
CA LYS I 61 -0.96 -0.54 31.05
C LYS I 61 -1.52 0.68 30.33
N GLU I 62 -2.01 1.66 31.09
CA GLU I 62 -2.65 2.87 30.55
C GLU I 62 -1.76 3.65 29.58
N ASN I 63 -0.46 3.74 29.88
CA ASN I 63 0.53 4.46 29.08
C ASN I 63 0.80 3.81 27.72
N ASP I 64 0.70 2.48 27.63
CA ASP I 64 0.87 1.75 26.37
C ASP I 64 -0.31 1.99 25.44
N ILE I 65 -1.54 2.00 25.97
CA ILE I 65 -2.76 2.33 25.22
C ILE I 65 -2.68 3.78 24.73
N LYS I 66 -2.30 4.71 25.62
CA LYS I 66 -2.15 6.12 25.29
C LYS I 66 -1.11 6.39 24.21
N LEU I 67 0.07 5.74 24.27
CA LEU I 67 1.10 5.85 23.23
C LEU I 67 0.69 5.19 21.90
N ALA I 68 0.00 4.05 21.92
CA ALA I 68 -0.49 3.38 20.72
C ALA I 68 -1.58 4.17 19.99
N ALA I 69 -2.47 4.85 20.70
CA ALA I 69 -3.49 5.70 20.10
C ALA I 69 -2.91 6.95 19.42
N GLN I 70 -1.82 7.50 19.94
CA GLN I 70 -1.12 8.65 19.37
C GLN I 70 -0.31 8.36 18.09
N LYS I 71 -0.22 7.11 17.63
CA LYS I 71 0.64 6.69 16.51
C LYS I 71 0.27 7.30 15.16
N SER J 1 -18.39 2.16 35.62
CA SER J 1 -17.60 3.31 36.08
C SER J 1 -17.51 4.38 34.99
N ASN J 2 -17.49 5.65 35.38
CA ASN J 2 -17.34 6.82 34.49
C ASN J 2 -18.16 6.74 33.20
N ALA J 3 -19.47 6.48 33.30
CA ALA J 3 -20.32 6.07 32.19
C ALA J 3 -20.43 7.08 31.02
N MET J 4 -20.18 8.37 31.28
CA MET J 4 -20.08 9.39 30.23
C MET J 4 -18.76 9.29 29.45
N ALA J 5 -17.65 8.92 30.11
CA ALA J 5 -16.32 8.83 29.52
C ALA J 5 -16.05 7.48 28.83
N GLY J 6 -16.46 6.37 29.42
CA GLY J 6 -16.42 5.04 28.83
C GLY J 6 -17.81 4.47 28.63
N ASN J 7 -18.27 4.33 27.39
CA ASN J 7 -19.64 3.93 27.05
C ASN J 7 -19.87 2.40 27.14
N PHE J 8 -18.85 1.61 26.78
CA PHE J 8 -18.91 0.17 26.63
C PHE J 8 -18.68 -0.56 27.95
N ALA J 9 -19.05 -1.83 28.04
CA ALA J 9 -18.77 -2.65 29.21
C ALA J 9 -17.27 -2.92 29.32
N ASN J 10 -16.72 -2.88 30.52
CA ASN J 10 -15.29 -3.07 30.74
C ASN J 10 -14.85 -4.50 30.39
N ALA J 11 -15.73 -5.48 30.57
CA ALA J 11 -15.46 -6.91 30.34
C ALA J 11 -15.29 -7.22 28.87
N ARG J 12 -15.84 -6.36 28.02
CA ARG J 12 -15.82 -6.51 26.55
C ARG J 12 -14.61 -5.77 26.01
N VAL J 13 -14.23 -4.64 26.57
CA VAL J 13 -12.99 -3.90 26.19
C VAL J 13 -11.75 -4.70 26.65
N GLU J 14 -11.79 -5.33 27.82
CA GLU J 14 -10.76 -6.26 28.30
C GLU J 14 -10.62 -7.50 27.38
N LYS J 15 -11.73 -8.12 26.96
CA LYS J 15 -11.70 -9.24 25.99
C LYS J 15 -11.02 -8.86 24.68
N LEU J 16 -11.29 -7.68 24.15
CA LEU J 16 -10.66 -7.15 22.94
C LEU J 16 -9.14 -7.02 23.11
N ILE J 17 -8.64 -6.57 24.26
CA ILE J 17 -7.18 -6.33 24.47
C ILE J 17 -6.46 -7.67 24.64
N ARG J 18 -7.15 -8.68 25.13
CA ARG J 18 -6.58 -10.02 25.44
C ARG J 18 -6.57 -10.89 24.18
N GLN J 19 -7.43 -10.59 23.23
CA GLN J 19 -7.49 -11.26 21.91
C GLN J 19 -6.49 -10.59 20.97
N ALA J 20 -6.18 -9.31 21.19
CA ALA J 20 -5.01 -8.68 20.57
C ALA J 20 -3.66 -9.29 21.00
N GLY J 21 -3.64 -10.18 21.99
CA GLY J 21 -2.45 -10.92 22.43
C GLY J 21 -1.96 -10.63 23.84
N ALA J 22 -2.66 -9.82 24.64
CA ALA J 22 -2.21 -9.45 25.97
C ALA J 22 -2.15 -10.64 26.93
N GLN J 23 -1.01 -10.82 27.58
CA GLN J 23 -0.79 -11.84 28.59
C GLN J 23 -1.48 -11.44 29.90
N ARG J 24 -1.43 -10.15 30.27
CA ARG J 24 -2.14 -9.55 31.41
C ARG J 24 -2.63 -8.15 31.05
N VAL J 25 -3.70 -7.66 31.66
CA VAL J 25 -4.27 -6.33 31.36
C VAL J 25 -4.60 -5.55 32.63
N SER J 26 -4.02 -4.38 32.81
CA SER J 26 -4.33 -3.46 33.92
C SER J 26 -5.73 -2.85 33.84
N ALA J 27 -6.43 -2.67 34.95
CA ALA J 27 -7.75 -2.05 34.96
C ALA J 27 -7.75 -0.62 34.40
N ASP J 28 -6.69 0.16 34.66
CA ASP J 28 -6.50 1.48 34.04
C ASP J 28 -6.34 1.42 32.52
N ALA J 29 -5.73 0.38 31.96
CA ALA J 29 -5.65 0.20 30.52
C ALA J 29 -7.02 -0.11 29.91
N VAL J 30 -7.85 -0.89 30.58
CA VAL J 30 -9.23 -1.16 30.17
C VAL J 30 -10.06 0.13 30.16
N ASP J 31 -9.93 0.97 31.20
CA ASP J 31 -10.59 2.27 31.28
C ASP J 31 -10.11 3.27 30.22
N LYS J 32 -8.81 3.34 29.94
CA LYS J 32 -8.24 4.18 28.89
C LYS J 32 -8.69 3.74 27.51
N MET J 33 -8.69 2.44 27.21
CA MET J 33 -9.15 1.94 25.93
C MET J 33 -10.66 2.22 25.74
N ASN J 34 -11.47 2.05 26.77
CA ASN J 34 -12.89 2.36 26.75
C ASN J 34 -13.17 3.83 26.42
N GLU J 35 -12.42 4.74 27.02
CA GLU J 35 -12.47 6.17 26.76
C GLU J 35 -12.06 6.55 25.32
N ILE J 36 -10.97 5.97 24.81
CA ILE J 36 -10.48 6.17 23.45
C ILE J 36 -11.47 5.66 22.40
N LEU J 37 -12.09 4.49 22.59
CA LEU J 37 -13.17 4.00 21.73
C LEU J 37 -14.42 4.87 21.77
N THR J 38 -14.77 5.34 22.95
CA THR J 38 -15.96 6.20 23.13
C THR J 38 -15.76 7.55 22.46
N ASP J 39 -14.63 8.22 22.63
CA ASP J 39 -14.36 9.51 22.00
C ASP J 39 -14.35 9.43 20.47
N TRP J 40 -13.75 8.37 19.92
CA TRP J 40 -13.68 8.17 18.48
C TRP J 40 -15.02 7.76 17.86
N GLY J 41 -15.76 6.87 18.54
CA GLY J 41 -17.10 6.49 18.15
C GLY J 41 -18.08 7.64 18.15
N LYS J 42 -18.04 8.51 19.18
CA LYS J 42 -18.84 9.74 19.25
C LYS J 42 -18.57 10.71 18.12
N ASN J 43 -17.33 10.87 17.67
CA ASN J 43 -17.01 11.72 16.54
C ASN J 43 -17.63 11.19 15.24
N ILE J 44 -17.52 9.90 14.97
CA ILE J 44 -18.13 9.29 13.79
C ILE J 44 -19.66 9.36 13.86
N ALA J 45 -20.27 9.03 14.98
CA ALA J 45 -21.72 9.06 15.11
C ALA J 45 -22.30 10.46 14.92
N LYS J 46 -21.66 11.51 15.48
CA LYS J 46 -22.11 12.89 15.31
C LYS J 46 -22.09 13.31 13.84
N TYR J 47 -21.05 12.94 13.10
CA TYR J 47 -20.98 13.26 11.68
C TYR J 47 -21.95 12.44 10.80
N ALA J 48 -22.19 11.17 11.12
CA ALA J 48 -23.18 10.33 10.45
C ALA J 48 -24.61 10.84 10.61
N VAL J 49 -24.94 11.40 11.77
CA VAL J 49 -26.22 12.05 12.03
C VAL J 49 -26.40 13.30 11.16
N GLU J 50 -25.36 14.11 10.95
CA GLU J 50 -25.43 15.24 10.02
C GLU J 50 -25.57 14.81 8.56
N ILE J 51 -24.95 13.71 8.14
CA ILE J 51 -25.14 13.12 6.80
C ILE J 51 -26.56 12.58 6.60
N ALA J 52 -27.13 11.90 7.59
CA ALA J 52 -28.52 11.40 7.52
C ALA J 52 -29.46 12.56 7.23
N ARG J 53 -29.27 13.69 7.89
CA ARG J 53 -30.21 14.82 7.97
C ARG J 53 -30.05 15.72 6.75
N HIS J 54 -28.86 15.74 6.18
CA HIS J 54 -28.52 16.40 4.89
C HIS J 54 -29.21 15.61 3.79
N SER J 55 -29.15 14.28 3.91
CA SER J 55 -29.88 13.42 2.98
C SER J 55 -31.40 13.63 2.98
N GLY J 56 -31.97 14.05 4.09
CA GLY J 56 -33.40 14.38 4.23
C GLY J 56 -34.14 13.41 5.15
N ARG J 57 -33.42 12.71 6.01
CA ARG J 57 -33.93 11.52 6.76
C ARG J 57 -33.73 11.73 8.27
N LYS J 58 -34.63 11.13 9.06
CA LYS J 58 -34.50 11.02 10.52
C LYS J 58 -33.66 9.83 10.95
N THR J 59 -33.57 8.78 10.13
CA THR J 59 -32.94 7.51 10.45
C THR J 59 -31.47 7.50 10.03
N VAL J 60 -30.56 7.19 10.95
CA VAL J 60 -29.17 6.84 10.61
C VAL J 60 -29.14 5.43 10.03
N LYS J 61 -28.56 5.26 8.85
CA LYS J 61 -28.43 4.00 8.10
C LYS J 61 -26.98 3.57 7.91
N GLU J 62 -26.76 2.35 7.43
CA GLU J 62 -25.42 1.77 7.25
C GLU J 62 -24.50 2.62 6.37
N ASN J 63 -25.05 3.20 5.31
CA ASN J 63 -24.31 4.03 4.35
C ASN J 63 -23.84 5.35 4.94
N ASP J 64 -24.58 5.93 5.87
CA ASP J 64 -24.19 7.17 6.57
C ASP J 64 -23.03 6.92 7.52
N ILE J 65 -23.03 5.81 8.25
CA ILE J 65 -21.92 5.38 9.11
C ILE J 65 -20.69 5.11 8.26
N LYS J 66 -20.84 4.38 7.15
CA LYS J 66 -19.76 4.07 6.21
C LYS J 66 -19.13 5.32 5.59
N LEU J 67 -19.92 6.29 5.15
CA LEU J 67 -19.42 7.56 4.62
C LEU J 67 -18.76 8.44 5.69
N ALA J 68 -19.30 8.50 6.92
CA ALA J 68 -18.71 9.24 8.01
C ALA J 68 -17.36 8.70 8.48
N ALA J 69 -17.17 7.38 8.50
CA ALA J 69 -15.91 6.76 8.85
C ALA J 69 -14.80 7.02 7.81
N GLN J 70 -15.16 7.14 6.53
CA GLN J 70 -14.24 7.45 5.44
C GLN J 70 -13.74 8.91 5.40
N LYS J 71 -14.22 9.81 6.26
CA LYS J 71 -13.95 11.25 6.20
C LYS J 71 -12.49 11.62 6.44
N SER K 1 2.25 27.30 -15.11
CA SER K 1 3.28 26.31 -14.75
C SER K 1 2.69 25.21 -13.87
N ASN K 2 3.18 23.98 -14.00
CA ASN K 2 2.79 22.80 -13.22
C ASN K 2 1.27 22.67 -12.98
N ALA K 3 0.48 22.72 -14.04
CA ALA K 3 -0.97 22.92 -13.98
C ALA K 3 -1.75 21.84 -13.22
N MET K 4 -1.20 20.62 -13.09
CA MET K 4 -1.77 19.57 -12.25
C MET K 4 -1.52 19.83 -10.75
N ALA K 5 -0.38 20.41 -10.39
CA ALA K 5 0.03 20.67 -9.01
C ALA K 5 -0.52 22.00 -8.46
N GLY K 6 -0.51 23.07 -9.24
CA GLY K 6 -1.12 24.35 -8.93
C GLY K 6 -2.26 24.68 -9.90
N ASN K 7 -3.51 24.65 -9.43
CA ASN K 7 -4.70 24.82 -10.25
C ASN K 7 -5.02 26.30 -10.61
N PHE K 8 -4.75 27.21 -9.67
CA PHE K 8 -5.12 28.61 -9.73
C PHE K 8 -4.09 29.45 -10.50
N ALA K 9 -4.45 30.65 -10.93
CA ALA K 9 -3.53 31.58 -11.54
C ALA K 9 -2.51 32.08 -10.52
N ASN K 10 -1.25 32.20 -10.91
CA ASN K 10 -0.19 32.64 -9.99
C ASN K 10 -0.39 34.10 -9.56
N ALA K 11 -0.97 34.93 -10.41
CA ALA K 11 -1.18 36.37 -10.18
C ALA K 11 -2.22 36.61 -9.10
N ARG K 12 -3.08 35.63 -8.88
CA ARG K 12 -4.20 35.68 -7.90
C ARG K 12 -3.71 35.11 -6.58
N VAL K 13 -2.87 34.09 -6.58
CA VAL K 13 -2.24 33.54 -5.35
C VAL K 13 -1.23 34.56 -4.79
N GLU K 14 -0.47 35.24 -5.64
CA GLU K 14 0.40 36.35 -5.26
C GLU K 14 -0.37 37.54 -4.64
N LYS K 15 -1.50 37.95 -5.24
CA LYS K 15 -2.37 39.00 -4.67
C LYS K 15 -2.86 38.65 -3.28
N LEU K 16 -3.26 37.41 -3.03
CA LEU K 16 -3.66 36.92 -1.72
C LEU K 16 -2.54 37.04 -0.68
N ILE K 17 -1.30 36.75 -1.03
CA ILE K 17 -0.16 36.75 -0.06
C ILE K 17 0.23 38.19 0.26
N ARG K 18 0.01 39.13 -0.67
CA ARG K 18 0.40 40.55 -0.55
C ARG K 18 -0.66 41.33 0.22
N GLN K 19 -1.89 40.84 0.23
CA GLN K 19 -3.01 41.41 1.00
C GLN K 19 -2.99 40.85 2.42
N ALA K 20 -2.42 39.65 2.61
CA ALA K 20 -2.04 39.19 3.95
C ALA K 20 -0.93 40.02 4.63
N GLY K 21 -0.31 40.96 3.91
CA GLY K 21 0.67 41.91 4.45
C GLY K 21 2.08 41.79 3.91
N ALA K 22 2.36 40.94 2.93
CA ALA K 22 3.70 40.72 2.41
C ALA K 22 4.28 41.96 1.73
N GLN K 23 5.47 42.36 2.14
CA GLN K 23 6.22 43.46 1.55
C GLN K 23 6.82 43.04 0.20
N ARG K 24 7.32 41.81 0.10
CA ARG K 24 7.81 41.16 -1.13
C ARG K 24 7.43 39.68 -1.15
N VAL K 25 7.28 39.08 -2.31
CA VAL K 25 6.89 37.65 -2.43
C VAL K 25 7.73 36.90 -3.45
N SER K 26 8.43 35.86 -3.05
CA SER K 26 9.19 34.98 -3.94
C SER K 26 8.32 34.14 -4.87
N ALA K 27 8.73 33.92 -6.12
CA ALA K 27 7.98 33.10 -7.07
C ALA K 27 7.78 31.65 -6.58
N ASP K 28 8.77 31.08 -5.89
CA ASP K 28 8.64 29.77 -5.25
C ASP K 28 7.60 29.75 -4.13
N ALA K 29 7.42 30.84 -3.38
CA ALA K 29 6.36 30.94 -2.38
C ALA K 29 4.97 30.99 -3.03
N VAL K 30 4.82 31.67 -4.16
CA VAL K 30 3.58 31.68 -4.94
C VAL K 30 3.24 30.29 -5.46
N ASP K 31 4.22 29.54 -5.98
CA ASP K 31 4.05 28.16 -6.42
C ASP K 31 3.71 27.19 -5.28
N LYS K 32 4.35 27.31 -4.12
CA LYS K 32 4.07 26.50 -2.93
C LYS K 32 2.67 26.78 -2.39
N MET K 33 2.25 28.04 -2.29
CA MET K 33 0.92 28.39 -1.84
C MET K 33 -0.15 27.86 -2.81
N ASN K 34 0.08 27.96 -4.11
CA ASN K 34 -0.82 27.43 -5.14
C ASN K 34 -1.02 25.92 -5.01
N GLU K 35 0.05 25.17 -4.77
CA GLU K 35 0.04 23.74 -4.53
C GLU K 35 -0.70 23.34 -3.24
N ILE K 36 -0.47 24.05 -2.15
CA ILE K 36 -1.15 23.84 -0.87
C ILE K 36 -2.66 24.13 -0.95
N LEU K 37 -3.09 25.20 -1.63
CA LEU K 37 -4.50 25.46 -1.91
C LEU K 37 -5.14 24.39 -2.79
N THR K 38 -4.42 23.94 -3.81
CA THR K 38 -4.92 22.92 -4.74
C THR K 38 -5.10 21.59 -4.04
N ASP K 39 -4.13 21.13 -3.25
CA ASP K 39 -4.24 19.85 -2.54
C ASP K 39 -5.38 19.84 -1.52
N TRP K 40 -5.57 20.94 -0.80
CA TRP K 40 -6.64 21.06 0.19
C TRP K 40 -8.01 21.22 -0.45
N GLY K 41 -8.13 22.01 -1.51
CA GLY K 41 -9.35 22.15 -2.29
C GLY K 41 -9.80 20.86 -2.93
N LYS K 42 -8.87 20.07 -3.50
CA LYS K 42 -9.15 18.74 -4.06
C LYS K 42 -9.68 17.76 -3.03
N ASN K 43 -9.18 17.77 -1.79
CA ASN K 43 -9.70 16.91 -0.73
C ASN K 43 -11.15 17.26 -0.39
N ILE K 44 -11.48 18.53 -0.23
CA ILE K 44 -12.84 18.97 0.05
C ILE K 44 -13.77 18.65 -1.13
N ALA K 45 -13.37 18.94 -2.36
CA ALA K 45 -14.20 18.69 -3.53
C ALA K 45 -14.50 17.21 -3.72
N LYS K 46 -13.52 16.31 -3.53
CA LYS K 46 -13.73 14.87 -3.64
C LYS K 46 -14.76 14.37 -2.63
N TYR K 47 -14.70 14.85 -1.39
CA TYR K 47 -15.66 14.46 -0.37
C TYR K 47 -17.07 15.06 -0.58
N ALA K 48 -17.18 16.29 -1.08
CA ALA K 48 -18.45 16.92 -1.44
C ALA K 48 -19.18 16.19 -2.58
N VAL K 49 -18.44 15.67 -3.54
CA VAL K 49 -18.97 14.84 -4.62
C VAL K 49 -19.54 13.53 -4.08
N GLU K 50 -18.91 12.88 -3.10
CA GLU K 50 -19.48 11.69 -2.45
C GLU K 50 -20.73 12.01 -1.62
N ILE K 51 -20.81 13.17 -0.97
CA ILE K 51 -22.02 13.63 -0.27
C ILE K 51 -23.18 13.92 -1.25
N ALA K 52 -22.90 14.56 -2.38
CA ALA K 52 -23.91 14.83 -3.42
C ALA K 52 -24.57 13.52 -3.83
N ARG K 53 -23.77 12.48 -4.04
CA ARG K 53 -24.15 11.21 -4.71
C ARG K 53 -24.83 10.28 -3.70
N HIS K 54 -24.49 10.41 -2.44
CA HIS K 54 -25.14 9.75 -1.28
C HIS K 54 -26.53 10.34 -1.13
N SER K 55 -26.60 11.66 -1.28
CA SER K 55 -27.89 12.35 -1.27
C SER K 55 -28.83 11.89 -2.38
N GLY K 56 -28.31 11.45 -3.52
CA GLY K 56 -29.08 10.92 -4.65
C GLY K 56 -29.02 11.81 -5.88
N ARG K 57 -28.02 12.67 -5.97
CA ARG K 57 -27.96 13.79 -6.94
C ARG K 57 -26.67 13.72 -7.78
N LYS K 58 -26.76 14.21 -9.02
CA LYS K 58 -25.60 14.43 -9.89
C LYS K 58 -24.91 15.77 -9.63
N THR K 59 -25.63 16.76 -9.12
CA THR K 59 -25.17 18.14 -8.95
C THR K 59 -24.54 18.36 -7.59
N VAL K 60 -23.31 18.86 -7.54
CA VAL K 60 -22.72 19.41 -6.31
C VAL K 60 -23.34 20.77 -6.00
N LYS K 61 -23.88 20.96 -4.80
CA LYS K 61 -24.56 22.17 -4.32
C LYS K 61 -23.83 22.81 -3.15
N GLU K 62 -24.23 24.02 -2.76
CA GLU K 62 -23.58 24.80 -1.69
C GLU K 62 -23.52 24.06 -0.35
N ASN K 63 -24.58 23.32 -0.01
CA ASN K 63 -24.70 22.57 1.24
C ASN K 63 -23.75 21.37 1.31
N ASP K 64 -23.44 20.74 0.17
CA ASP K 64 -22.48 19.64 0.11
C ASP K 64 -21.06 20.12 0.34
N ILE K 65 -20.68 21.26 -0.25
CA ILE K 65 -19.40 21.91 -0.01
C ILE K 65 -19.28 22.32 1.46
N LYS K 66 -20.32 22.95 2.02
CA LYS K 66 -20.37 23.37 3.42
C LYS K 66 -20.23 22.21 4.39
N LEU K 67 -20.93 21.09 4.17
CA LEU K 67 -20.81 19.89 4.99
C LEU K 67 -19.45 19.18 4.84
N ALA K 68 -18.88 19.12 3.65
CA ALA K 68 -17.56 18.55 3.42
C ALA K 68 -16.42 19.33 4.07
N ALA K 69 -16.49 20.67 4.10
CA ALA K 69 -15.51 21.50 4.77
C ALA K 69 -15.52 21.36 6.30
N GLN K 70 -16.70 21.11 6.88
CA GLN K 70 -16.87 20.88 8.31
C GLN K 70 -16.36 19.52 8.84
N LYS K 71 -15.89 18.61 7.98
CA LYS K 71 -15.53 17.22 8.34
C LYS K 71 -14.36 17.11 9.30
N SER L 1 -17.37 38.24 -9.06
CA SER L 1 -18.38 38.48 -8.02
C SER L 1 -17.75 38.38 -6.63
N ASN L 2 -18.25 39.18 -5.68
CA ASN L 2 -17.83 39.20 -4.27
C ASN L 2 -16.30 39.09 -4.05
N ALA L 3 -15.52 39.94 -4.71
CA ALA L 3 -14.07 39.79 -4.86
C ALA L 3 -13.27 39.76 -3.55
N MET L 4 -13.79 40.35 -2.47
CA MET L 4 -13.21 40.24 -1.13
C MET L 4 -13.43 38.86 -0.51
N ALA L 5 -14.58 38.23 -0.76
CA ALA L 5 -14.97 36.93 -0.19
C ALA L 5 -14.43 35.75 -0.99
N GLY L 6 -14.46 35.79 -2.32
CA GLY L 6 -13.85 34.81 -3.22
C GLY L 6 -12.74 35.42 -4.05
N ASN L 7 -11.48 35.06 -3.78
CA ASN L 7 -10.30 35.67 -4.42
C ASN L 7 -10.02 35.13 -5.83
N PHE L 8 -10.27 33.84 -6.06
CA PHE L 8 -9.92 33.10 -7.26
C PHE L 8 -10.98 33.26 -8.36
N ALA L 9 -10.63 32.95 -9.60
CA ALA L 9 -11.58 32.93 -10.70
C ALA L 9 -12.58 31.78 -10.52
N ASN L 10 -13.85 32.03 -10.82
CA ASN L 10 -14.90 31.02 -10.65
C ASN L 10 -14.71 29.84 -11.61
N ALA L 11 -14.15 30.08 -12.79
CA ALA L 11 -13.95 29.08 -13.85
C ALA L 11 -12.89 28.06 -13.47
N ARG L 12 -12.02 28.44 -12.55
CA ARG L 12 -10.89 27.61 -12.07
C ARG L 12 -11.35 26.83 -10.84
N VAL L 13 -12.17 27.40 -9.98
CA VAL L 13 -12.78 26.68 -8.81
C VAL L 13 -13.80 25.65 -9.33
N GLU L 14 -14.58 25.95 -10.36
CA GLU L 14 -15.46 25.01 -11.04
C GLU L 14 -14.68 23.84 -11.69
N LYS L 15 -13.58 24.11 -12.40
CA LYS L 15 -12.70 23.06 -12.96
C LYS L 15 -12.18 22.11 -11.89
N LEU L 16 -11.78 22.60 -10.73
CA LEU L 16 -11.34 21.80 -9.61
C LEU L 16 -12.45 20.87 -9.10
N ILE L 17 -13.70 21.31 -9.03
CA ILE L 17 -14.81 20.49 -8.46
C ILE L 17 -15.21 19.42 -9.48
N ARG L 18 -15.02 19.66 -10.76
CA ARG L 18 -15.41 18.76 -11.87
C ARG L 18 -14.36 17.69 -12.10
N GLN L 19 -13.12 17.98 -11.72
CA GLN L 19 -11.99 17.02 -11.77
C GLN L 19 -11.99 16.16 -10.51
N ALA L 20 -12.54 16.67 -9.40
CA ALA L 20 -12.89 15.82 -8.25
C ALA L 20 -14.00 14.78 -8.55
N GLY L 21 -14.64 14.84 -9.71
CA GLY L 21 -15.62 13.86 -10.18
C GLY L 21 -17.05 14.36 -10.36
N ALA L 22 -17.32 15.66 -10.20
CA ALA L 22 -18.68 16.19 -10.28
C ALA L 22 -19.28 16.06 -11.69
N GLN L 23 -20.47 15.48 -11.77
CA GLN L 23 -21.24 15.34 -13.00
C GLN L 23 -21.85 16.69 -13.39
N ARG L 24 -22.35 17.47 -12.42
CA ARG L 24 -22.85 18.84 -12.57
C ARG L 24 -22.45 19.69 -11.37
N VAL L 25 -22.31 21.00 -11.51
CA VAL L 25 -21.90 21.89 -10.42
C VAL L 25 -22.76 23.15 -10.36
N SER L 26 -23.44 23.40 -9.25
CA SER L 26 -24.21 24.63 -9.01
C SER L 26 -23.34 25.89 -8.85
N ALA L 27 -23.77 27.04 -9.37
CA ALA L 27 -23.02 28.28 -9.23
C ALA L 27 -22.80 28.70 -7.77
N ASP L 28 -23.77 28.45 -6.88
CA ASP L 28 -23.62 28.64 -5.44
C ASP L 28 -22.56 27.74 -4.82
N ALA L 29 -22.38 26.51 -5.31
CA ALA L 29 -21.30 25.64 -4.85
C ALA L 29 -19.92 26.14 -5.27
N VAL L 30 -19.80 26.71 -6.48
CA VAL L 30 -18.56 27.35 -6.95
C VAL L 30 -18.22 28.57 -6.08
N ASP L 31 -19.20 29.41 -5.75
CA ASP L 31 -19.03 30.55 -4.86
C ASP L 31 -18.66 30.16 -3.42
N LYS L 32 -19.28 29.12 -2.86
CA LYS L 32 -18.97 28.60 -1.53
C LYS L 32 -17.57 28.00 -1.48
N MET L 33 -17.16 27.21 -2.47
CA MET L 33 -15.82 26.66 -2.52
C MET L 33 -14.77 27.77 -2.66
N ASN L 34 -15.01 28.79 -3.47
CA ASN L 34 -14.13 29.94 -3.62
C ASN L 34 -13.91 30.69 -2.30
N GLU L 35 -14.97 30.90 -1.54
CA GLU L 35 -14.94 31.50 -0.20
C GLU L 35 -14.17 30.67 0.83
N ILE L 36 -14.39 29.36 0.86
CA ILE L 36 -13.69 28.42 1.73
C ILE L 36 -12.19 28.34 1.43
N LEU L 37 -11.78 28.30 0.16
CA LEU L 37 -10.37 28.40 -0.25
C LEU L 37 -9.73 29.74 0.12
N THR L 38 -10.47 30.82 -0.06
CA THR L 38 -9.98 32.16 0.26
C THR L 38 -9.77 32.35 1.75
N ASP L 39 -10.72 31.94 2.60
CA ASP L 39 -10.59 32.08 4.05
C ASP L 39 -9.43 31.24 4.60
N TRP L 40 -9.24 30.04 4.10
CA TRP L 40 -8.15 29.16 4.53
C TRP L 40 -6.79 29.60 4.02
N GLY L 41 -6.70 30.03 2.76
CA GLY L 41 -5.49 30.61 2.18
C GLY L 41 -5.05 31.87 2.88
N LYS L 42 -5.97 32.78 3.23
CA LYS L 42 -5.70 33.99 4.02
C LYS L 42 -5.13 33.69 5.41
N ASN L 43 -5.61 32.66 6.09
CA ASN L 43 -5.07 32.27 7.39
C ASN L 43 -3.61 31.80 7.28
N ILE L 44 -3.30 30.95 6.30
CA ILE L 44 -1.93 30.49 6.07
C ILE L 44 -1.01 31.66 5.65
N ALA L 45 -1.44 32.50 4.73
CA ALA L 45 -0.63 33.62 4.26
C ALA L 45 -0.32 34.61 5.38
N LYS L 46 -1.28 34.95 6.25
CA LYS L 46 -1.06 35.85 7.38
C LYS L 46 -0.01 35.30 8.33
N TYR L 47 -0.06 34.00 8.63
CA TYR L 47 0.93 33.39 9.52
C TYR L 47 2.33 33.24 8.87
N ALA L 48 2.43 32.96 7.58
CA ALA L 48 3.68 32.92 6.83
C ALA L 48 4.38 34.27 6.77
N VAL L 49 3.63 35.36 6.68
CA VAL L 49 4.16 36.72 6.75
C VAL L 49 4.76 37.02 8.13
N GLU L 50 4.14 36.57 9.23
CA GLU L 50 4.74 36.69 10.56
C GLU L 50 6.01 35.84 10.74
N ILE L 51 6.08 34.65 10.15
CA ILE L 51 7.30 33.82 10.13
C ILE L 51 8.43 34.48 9.32
N ALA L 52 8.13 35.06 8.18
CA ALA L 52 9.12 35.76 7.35
C ALA L 52 9.79 36.85 8.18
N ARG L 53 9.01 37.61 8.94
CA ARG L 53 9.39 38.86 9.61
C ARG L 53 10.09 38.57 10.93
N HIS L 54 9.77 37.44 11.54
CA HIS L 54 10.44 36.87 12.72
C HIS L 54 11.82 36.42 12.29
N SER L 55 11.88 35.79 11.12
CA SER L 55 13.17 35.41 10.53
C SER L 55 14.10 36.60 10.26
N GLY L 56 13.56 37.78 10.00
CA GLY L 56 14.31 39.03 9.79
C GLY L 56 14.23 39.55 8.37
N ARG L 57 13.21 39.12 7.61
CA ARG L 57 13.12 39.29 6.14
C ARG L 57 11.83 40.02 5.76
N LYS L 58 11.89 40.76 4.66
CA LYS L 58 10.71 41.36 4.01
C LYS L 58 10.00 40.39 3.05
N THR L 59 10.72 39.41 2.52
CA THR L 59 10.25 38.49 1.47
C THR L 59 9.64 37.24 2.07
N VAL L 60 8.41 36.90 1.70
CA VAL L 60 7.83 35.57 1.96
C VAL L 60 8.44 34.56 0.99
N LYS L 61 9.01 33.46 1.50
CA LYS L 61 9.67 32.39 0.75
C LYS L 61 8.96 31.05 0.90
N GLU L 62 9.35 30.06 0.11
CA GLU L 62 8.72 28.74 0.08
C GLU L 62 8.68 28.05 1.44
N ASN L 63 9.76 28.18 2.22
CA ASN L 63 9.90 27.57 3.54
C ASN L 63 8.97 28.17 4.59
N ASP L 64 8.64 29.47 4.49
CA ASP L 64 7.69 30.14 5.38
C ASP L 64 6.27 29.66 5.13
N ILE L 65 5.88 29.50 3.86
CA ILE L 65 4.58 28.93 3.48
C ILE L 65 4.48 27.49 3.97
N LYS L 66 5.52 26.69 3.74
CA LYS L 66 5.60 25.29 4.18
C LYS L 66 5.49 25.13 5.70
N LEU L 67 6.19 25.95 6.49
CA LEU L 67 6.10 25.94 7.94
C LEU L 67 4.75 26.45 8.47
N ALA L 68 4.15 27.47 7.86
CA ALA L 68 2.84 27.97 8.23
C ALA L 68 1.70 26.99 7.96
N ALA L 69 1.76 26.21 6.88
CA ALA L 69 0.77 25.19 6.58
C ALA L 69 0.83 24.00 7.56
N GLN L 70 2.01 23.67 8.07
CA GLN L 70 2.20 22.61 9.06
C GLN L 70 1.72 22.95 10.49
N LYS L 71 1.24 24.17 10.76
CA LYS L 71 0.92 24.64 12.11
C LYS L 71 -0.25 23.90 12.78
#